data_6JJN
#
_entry.id   6JJN
#
_cell.length_a   137.417
_cell.length_b   137.417
_cell.length_c   177.807
_cell.angle_alpha   90.00
_cell.angle_beta   90.00
_cell.angle_gamma   120.00
#
_symmetry.space_group_name_H-M   'P 61'
#
loop_
_entity.id
_entity.type
_entity.pdbx_description
1 polymer 'HN protein'
2 branched 2-acetamido-2-deoxy-beta-D-glucopyranose-(1-4)-2-acetamido-2-deoxy-beta-D-glucopyranose
3 branched 'N-acetyl-alpha-neuraminic acid-(2-3)-beta-D-galactopyranose-(1-4)-[alpha-L-fucopyranose-(1-3)]2-acetamido-2-deoxy-beta-D-glucopyranose-(1-3)-beta-D-galactopyranose'
4 non-polymer 2-acetamido-2-deoxy-beta-D-glucopyranose
5 non-polymer 'SULFATE ION'
6 water water
#
_entity_poly.entity_id   1
_entity_poly.type   'polypeptide(L)'
_entity_poly.pdbx_seq_one_letter_code
;ETGGNQNQLLSTLATIRTGKKQVSNCSTNIPLVNDLRFINGINKFIIEDYATHDFSIGHPLNMPSFIPTATSPNGCTRIP
SFSLGKTHWCYTHNVINANCKDHTSSNQYISMGILVQTASGYPMFKTLKIQYLSDGLNRKSCSIATVPDGCAMYCYVSTQ
LETDDYAGSSPPTQKLTLLFYNDTVTERTISPTGLEGNWATLVPGVGSGIYFENKLIFPAYGGVLPNSTLGVKSAREFFR
PVNPYNPCSGPQQDLDQRALRSYFPSYFSNRRVQSAFLVCAWNQILVTNCELVVPSNNQTLMGAEGRVLLINNRLLYYQR
STSWWPYELLYEISFTFTNSGQSSVNMSWIPIYSFTRPGSGNCSGENVCPTACVSGVYLDPWPLTPYSHQSGINRNFYFT
GALLNSSTTRVNPTLYVSALNNLKVLAPYGNQGLFASYTTTTCFQDTGDASVYCVYIMELASNIVGEFQILPVLTRLTIT
GTKHHHHHH
;
_entity_poly.pdbx_strand_id   A,B
#
# COMPACT_ATOMS: atom_id res chain seq x y z
N ILE A 30 -1.49 -17.01 15.72
CA ILE A 30 -1.66 -15.57 15.86
C ILE A 30 -3.13 -15.24 16.17
N PRO A 31 -3.42 -14.89 17.41
CA PRO A 31 -4.78 -14.45 17.75
C PRO A 31 -5.12 -13.12 17.08
N LEU A 32 -6.41 -12.93 16.84
CA LEU A 32 -6.91 -11.67 16.29
C LEU A 32 -7.14 -10.70 17.44
N VAL A 33 -6.05 -10.32 18.10
CA VAL A 33 -6.09 -9.50 19.30
C VAL A 33 -5.06 -8.38 19.19
N ASN A 34 -5.51 -7.15 19.41
CA ASN A 34 -4.60 -6.01 19.51
C ASN A 34 -3.60 -6.20 20.64
N ASP A 35 -2.47 -5.51 20.53
CA ASP A 35 -1.54 -5.38 21.65
C ASP A 35 -2.28 -4.91 22.89
N LEU A 36 -1.95 -5.50 24.04
CA LEU A 36 -2.73 -5.29 25.27
C LEU A 36 -2.75 -3.84 25.71
N ARG A 37 -1.74 -3.05 25.35
CA ARG A 37 -1.69 -1.67 25.82
C ARG A 37 -2.71 -0.76 25.15
N PHE A 38 -3.43 -1.26 24.13
CA PHE A 38 -4.45 -0.48 23.45
C PHE A 38 -5.87 -0.97 23.70
N ILE A 39 -6.03 -2.19 24.23
CA ILE A 39 -7.35 -2.82 24.30
C ILE A 39 -8.31 -1.97 25.14
N ASN A 40 -7.83 -1.42 26.24
CA ASN A 40 -8.66 -0.60 27.12
C ASN A 40 -8.53 0.89 26.85
N GLY A 41 -7.94 1.27 25.71
CA GLY A 41 -7.85 2.66 25.33
C GLY A 41 -8.57 2.94 24.03
N ILE A 42 -9.42 2.00 23.62
CA ILE A 42 -10.16 2.07 22.37
C ILE A 42 -11.63 2.35 22.68
N ASN A 43 -12.25 3.21 21.88
CA ASN A 43 -13.65 3.61 22.05
C ASN A 43 -13.92 4.19 23.43
N LYS A 44 -12.99 4.99 23.92
CA LYS A 44 -13.13 5.69 25.19
C LYS A 44 -13.11 7.19 24.95
N PHE A 45 -13.71 7.94 25.87
CA PHE A 45 -13.55 9.40 25.85
C PHE A 45 -12.21 9.74 26.49
N ILE A 46 -11.32 10.32 25.69
CA ILE A 46 -9.94 10.54 26.13
C ILE A 46 -9.85 11.68 27.14
N ILE A 47 -10.75 12.66 27.05
CA ILE A 47 -10.76 13.81 27.94
C ILE A 47 -12.11 13.83 28.65
N GLU A 48 -12.09 13.61 29.97
CA GLU A 48 -13.32 13.53 30.74
C GLU A 48 -13.35 14.49 31.92
N ASP A 49 -12.44 15.47 31.98
CA ASP A 49 -12.44 16.44 33.06
C ASP A 49 -13.40 17.60 32.83
N TYR A 50 -13.98 17.71 31.62
CA TYR A 50 -14.90 18.78 31.24
C TYR A 50 -14.24 20.15 31.25
N ALA A 51 -12.92 20.20 31.24
CA ALA A 51 -12.19 21.46 31.32
C ALA A 51 -11.69 21.89 29.94
N THR A 52 -11.22 23.12 29.87
CA THR A 52 -10.62 23.63 28.64
C THR A 52 -9.23 23.06 28.47
N HIS A 53 -8.82 22.87 27.21
CA HIS A 53 -7.54 22.25 26.93
C HIS A 53 -6.95 22.87 25.67
N ASP A 54 -5.62 22.89 25.63
CA ASP A 54 -4.87 23.22 24.42
C ASP A 54 -4.35 21.95 23.78
N PHE A 55 -4.15 22.00 22.46
CA PHE A 55 -3.84 20.82 21.69
C PHE A 55 -2.67 21.08 20.77
N SER A 56 -1.89 20.03 20.54
CA SER A 56 -0.84 20.04 19.53
C SER A 56 -0.89 18.72 18.78
N ILE A 57 -0.93 18.79 17.46
CA ILE A 57 -0.95 17.61 16.60
C ILE A 57 0.48 17.32 16.16
N GLY A 58 0.97 16.12 16.46
CA GLY A 58 2.33 15.75 16.13
C GLY A 58 2.50 15.45 14.65
N HIS A 59 3.77 15.33 14.26
CA HIS A 59 4.11 15.00 12.89
C HIS A 59 3.68 13.56 12.56
N PRO A 60 3.41 13.26 11.29
CA PRO A 60 3.06 11.89 10.91
C PRO A 60 4.16 10.91 11.28
N LEU A 61 3.73 9.77 11.85
CA LEU A 61 4.64 8.71 12.25
C LEU A 61 4.71 7.68 11.14
N ASN A 62 5.91 7.39 10.67
CA ASN A 62 6.07 6.58 9.47
C ASN A 62 5.96 5.10 9.78
N MET A 63 5.27 4.38 8.89
CA MET A 63 5.11 2.94 8.99
C MET A 63 4.71 2.42 7.63
N PRO A 64 4.80 1.10 7.42
CA PRO A 64 4.23 0.52 6.19
C PRO A 64 2.71 0.66 6.20
N SER A 65 2.19 1.43 5.24
CA SER A 65 0.75 1.70 5.18
C SER A 65 -0.03 0.42 5.00
N PHE A 66 -1.12 0.28 5.76
CA PHE A 66 -1.99 -0.88 5.66
C PHE A 66 -3.06 -0.70 4.58
N ILE A 67 -3.14 0.46 3.95
CA ILE A 67 -4.14 0.72 2.92
C ILE A 67 -3.46 0.64 1.55
N PRO A 68 -3.81 -0.32 0.71
CA PRO A 68 -3.14 -0.45 -0.59
C PRO A 68 -3.54 0.67 -1.54
N THR A 69 -2.58 1.15 -2.32
CA THR A 69 -2.86 2.10 -3.37
C THR A 69 -3.22 1.37 -4.66
N ALA A 70 -3.62 2.15 -5.67
CA ALA A 70 -3.76 1.61 -7.00
C ALA A 70 -2.40 1.21 -7.55
N THR A 71 -2.41 0.46 -8.66
CA THR A 71 -1.20 0.06 -9.35
C THR A 71 -1.09 0.67 -10.74
N SER A 72 -1.94 1.63 -11.06
CA SER A 72 -1.95 2.28 -12.36
C SER A 72 -2.10 3.78 -12.15
N PRO A 73 -1.69 4.60 -13.12
CA PRO A 73 -1.78 6.05 -12.94
C PRO A 73 -3.20 6.59 -13.01
N ASN A 74 -4.16 5.83 -13.53
CA ASN A 74 -5.51 6.35 -13.75
C ASN A 74 -6.60 5.40 -13.24
N GLY A 75 -6.24 4.43 -12.40
CA GLY A 75 -7.25 3.63 -11.75
C GLY A 75 -7.88 4.36 -10.58
N CYS A 76 -9.15 4.06 -10.33
CA CYS A 76 -9.90 4.72 -9.27
C CYS A 76 -9.78 3.91 -7.98
N THR A 77 -9.52 4.60 -6.87
CA THR A 77 -9.41 3.97 -5.56
C THR A 77 -10.05 4.92 -4.56
N ARG A 78 -11.24 4.58 -4.05
CA ARG A 78 -12.03 5.55 -3.32
C ARG A 78 -12.86 4.90 -2.23
N ILE A 79 -13.52 5.75 -1.45
CA ILE A 79 -14.62 5.38 -0.53
C ILE A 79 -14.10 4.54 0.63
N PRO A 80 -13.16 5.04 1.44
CA PRO A 80 -12.69 4.26 2.59
C PRO A 80 -13.73 4.12 3.69
N SER A 81 -13.68 2.97 4.37
CA SER A 81 -14.46 2.72 5.57
C SER A 81 -13.57 1.98 6.56
N PHE A 82 -13.51 2.46 7.80
CA PHE A 82 -12.57 1.94 8.77
C PHE A 82 -13.19 1.91 10.17
N SER A 83 -12.97 0.81 10.88
CA SER A 83 -13.39 0.70 12.28
C SER A 83 -12.30 0.03 13.11
N LEU A 84 -11.94 0.66 14.22
CA LEU A 84 -11.02 0.08 15.18
C LEU A 84 -11.83 -0.44 16.36
N GLY A 85 -11.89 -1.76 16.49
CA GLY A 85 -12.54 -2.39 17.61
C GLY A 85 -11.56 -2.70 18.74
N LYS A 86 -12.12 -3.21 19.84
CA LYS A 86 -11.33 -3.52 21.02
C LYS A 86 -10.19 -4.48 20.71
N THR A 87 -10.46 -5.52 19.90
CA THR A 87 -9.48 -6.56 19.66
C THR A 87 -8.84 -6.50 18.27
N HIS A 88 -9.48 -5.84 17.31
CA HIS A 88 -8.94 -5.78 15.96
C HIS A 88 -9.64 -4.67 15.20
N TRP A 89 -9.10 -4.36 14.02
CA TRP A 89 -9.67 -3.36 13.13
C TRP A 89 -10.10 -4.01 11.82
N CYS A 90 -11.03 -3.33 11.15
CA CYS A 90 -11.59 -3.71 9.86
C CYS A 90 -11.56 -2.52 8.92
N TYR A 91 -11.30 -2.78 7.64
CA TYR A 91 -11.15 -1.73 6.66
C TYR A 91 -11.66 -2.21 5.30
N THR A 92 -12.15 -1.26 4.50
CA THR A 92 -12.51 -1.57 3.12
C THR A 92 -12.48 -0.30 2.27
N HIS A 93 -12.27 -0.48 0.97
CA HIS A 93 -12.54 0.57 0.01
C HIS A 93 -12.79 -0.05 -1.37
N ASN A 94 -13.05 0.81 -2.35
CA ASN A 94 -13.52 0.42 -3.68
C ASN A 94 -12.43 0.70 -4.70
N VAL A 95 -12.27 -0.22 -5.65
CA VAL A 95 -11.22 -0.18 -6.67
C VAL A 95 -11.86 -0.35 -8.04
N ILE A 96 -11.52 0.55 -8.97
CA ILE A 96 -12.02 0.50 -10.33
C ILE A 96 -10.82 0.49 -11.28
N ASN A 97 -10.76 -0.51 -12.17
CA ASN A 97 -9.67 -0.61 -13.13
C ASN A 97 -9.67 0.56 -14.12
N ALA A 98 -10.74 1.35 -14.17
CA ALA A 98 -10.82 2.49 -15.07
C ALA A 98 -11.03 3.77 -14.27
N ASN A 99 -11.22 4.87 -15.01
CA ASN A 99 -11.47 6.19 -14.42
C ASN A 99 -12.59 6.12 -13.39
N CYS A 100 -12.52 7.04 -12.41
CA CYS A 100 -13.61 7.11 -11.42
C CYS A 100 -14.95 7.34 -12.10
N LYS A 101 -14.98 8.04 -13.23
CA LYS A 101 -16.19 8.13 -14.05
C LYS A 101 -16.22 6.87 -14.89
N ASP A 102 -16.99 5.87 -14.47
CA ASP A 102 -17.06 4.63 -15.23
C ASP A 102 -18.22 3.81 -14.69
N HIS A 103 -18.67 2.85 -15.50
CA HIS A 103 -19.94 2.18 -15.26
C HIS A 103 -19.88 0.66 -15.24
N THR A 104 -18.82 0.03 -15.77
CA THR A 104 -18.82 -1.42 -15.89
C THR A 104 -18.98 -2.11 -14.54
N SER A 105 -17.94 -2.17 -13.72
CA SER A 105 -18.06 -2.69 -12.37
C SER A 105 -16.87 -2.21 -11.54
N SER A 106 -16.87 -2.60 -10.28
CA SER A 106 -15.82 -2.27 -9.34
C SER A 106 -15.45 -3.52 -8.57
N ASN A 107 -14.47 -3.39 -7.69
CA ASN A 107 -14.04 -4.44 -6.79
C ASN A 107 -13.90 -3.83 -5.40
N GLN A 108 -13.97 -4.68 -4.38
CA GLN A 108 -13.97 -4.21 -3.00
C GLN A 108 -12.81 -4.86 -2.26
N TYR A 109 -11.86 -4.04 -1.81
CA TYR A 109 -10.77 -4.51 -0.96
C TYR A 109 -11.20 -4.43 0.49
N ILE A 110 -11.09 -5.56 1.20
CA ILE A 110 -11.44 -5.67 2.61
C ILE A 110 -10.25 -6.26 3.36
N SER A 111 -9.98 -5.74 4.54
CA SER A 111 -8.89 -6.29 5.33
C SER A 111 -9.21 -6.19 6.82
N MET A 112 -8.58 -7.05 7.60
CA MET A 112 -8.68 -7.01 9.04
C MET A 112 -7.31 -7.22 9.64
N GLY A 113 -7.09 -6.61 10.80
CA GLY A 113 -5.78 -6.72 11.42
C GLY A 113 -5.78 -6.24 12.85
N ILE A 114 -4.57 -6.04 13.39
CA ILE A 114 -4.37 -5.70 14.78
C ILE A 114 -3.40 -4.53 14.87
N LEU A 115 -3.29 -3.98 16.09
CA LEU A 115 -2.31 -2.97 16.43
C LEU A 115 -1.10 -3.63 17.08
N VAL A 116 0.09 -3.31 16.58
CA VAL A 116 1.34 -3.86 17.10
C VAL A 116 2.31 -2.72 17.35
N GLN A 117 2.88 -2.70 18.56
CA GLN A 117 3.87 -1.69 18.90
C GLN A 117 5.20 -2.02 18.24
N THR A 118 5.85 -1.02 17.67
CA THR A 118 7.15 -1.16 17.03
C THR A 118 8.23 -0.56 17.91
N ALA A 119 9.48 -0.84 17.56
CA ALA A 119 10.60 -0.24 18.28
C ALA A 119 10.75 1.24 17.97
N SER A 120 10.05 1.74 16.95
CA SER A 120 10.04 3.17 16.67
C SER A 120 9.32 3.97 17.75
N GLY A 121 8.61 3.31 18.66
CA GLY A 121 7.95 3.98 19.76
C GLY A 121 6.46 4.21 19.59
N TYR A 122 5.85 3.65 18.55
CA TYR A 122 4.44 3.86 18.26
C TYR A 122 3.91 2.64 17.54
N PRO A 123 2.60 2.41 17.57
CA PRO A 123 2.04 1.21 16.92
C PRO A 123 1.96 1.35 15.40
N MET A 124 1.78 0.20 14.76
CA MET A 124 1.46 0.14 13.34
C MET A 124 0.29 -0.82 13.17
N PHE A 125 -0.38 -0.70 12.03
CA PHE A 125 -1.54 -1.51 11.72
C PHE A 125 -1.07 -2.73 10.94
N LYS A 126 -1.09 -3.91 11.57
CA LYS A 126 -0.60 -5.14 10.97
C LYS A 126 -1.78 -5.88 10.34
N THR A 127 -1.83 -5.90 9.01
CA THR A 127 -2.86 -6.65 8.30
C THR A 127 -2.70 -8.14 8.52
N LEU A 128 -3.78 -8.80 8.93
CA LEU A 128 -3.78 -10.25 9.12
C LEU A 128 -4.64 -11.00 8.11
N LYS A 129 -5.70 -10.41 7.59
CA LYS A 129 -6.51 -11.08 6.59
C LYS A 129 -6.92 -10.10 5.50
N ILE A 130 -6.85 -10.56 4.25
CA ILE A 130 -7.20 -9.76 3.08
C ILE A 130 -8.26 -10.52 2.28
N GLN A 131 -9.23 -9.78 1.75
CA GLN A 131 -10.27 -10.35 0.91
C GLN A 131 -10.57 -9.33 -0.19
N TYR A 132 -10.31 -9.71 -1.43
CA TYR A 132 -10.52 -8.83 -2.57
C TYR A 132 -11.73 -9.36 -3.33
N LEU A 133 -12.90 -8.81 -3.02
CA LEU A 133 -14.14 -9.21 -3.69
C LEU A 133 -14.09 -8.66 -5.11
N SER A 134 -13.85 -9.56 -6.08
CA SER A 134 -13.69 -9.22 -7.50
C SER A 134 -14.41 -10.30 -8.30
N ASP A 135 -15.73 -10.17 -8.43
CA ASP A 135 -16.54 -11.17 -9.11
C ASP A 135 -17.50 -10.57 -10.13
N GLY A 136 -17.28 -9.32 -10.53
CA GLY A 136 -18.15 -8.68 -11.49
C GLY A 136 -19.39 -8.05 -10.91
N LEU A 137 -19.62 -8.19 -9.60
CA LEU A 137 -20.73 -7.53 -8.94
C LEU A 137 -20.28 -6.16 -8.46
N ASN A 138 -21.03 -5.12 -8.81
CA ASN A 138 -20.61 -3.74 -8.54
C ASN A 138 -21.09 -3.32 -7.15
N ARG A 139 -20.44 -3.90 -6.14
CA ARG A 139 -20.71 -3.51 -4.77
C ARG A 139 -20.17 -2.10 -4.52
N LYS A 140 -21.03 -1.22 -4.03
CA LYS A 140 -20.75 0.21 -4.01
C LYS A 140 -21.18 0.81 -2.66
N SER A 141 -20.54 1.92 -2.29
CA SER A 141 -20.91 2.69 -1.11
C SER A 141 -20.82 1.85 0.17
N CYS A 142 -19.85 0.94 0.22
CA CYS A 142 -19.83 -0.08 1.28
C CYS A 142 -19.40 0.50 2.62
N SER A 143 -20.04 0.02 3.69
CA SER A 143 -19.73 0.39 5.05
C SER A 143 -19.29 -0.85 5.82
N ILE A 144 -18.21 -0.73 6.59
CA ILE A 144 -17.67 -1.89 7.30
C ILE A 144 -17.87 -1.71 8.81
N ALA A 145 -17.87 -2.83 9.51
CA ALA A 145 -18.02 -2.85 10.96
C ALA A 145 -17.21 -4.00 11.53
N THR A 146 -16.65 -3.78 12.72
CA THR A 146 -15.89 -4.80 13.42
C THR A 146 -16.85 -5.70 14.21
N VAL A 147 -16.73 -7.01 14.01
CA VAL A 147 -17.62 -7.97 14.65
C VAL A 147 -16.77 -9.08 15.26
N PRO A 148 -17.35 -9.90 16.17
CA PRO A 148 -16.59 -11.02 16.74
C PRO A 148 -15.93 -11.87 15.67
N ASP A 149 -14.60 -11.98 15.76
CA ASP A 149 -13.77 -12.80 14.88
C ASP A 149 -13.71 -12.27 13.46
N GLY A 150 -14.01 -11.00 13.22
CA GLY A 150 -13.86 -10.53 11.84
C GLY A 150 -14.62 -9.24 11.56
N CYS A 151 -15.14 -9.16 10.33
CA CYS A 151 -15.75 -7.94 9.82
C CYS A 151 -17.09 -8.25 9.17
N ALA A 152 -17.97 -7.25 9.19
CA ALA A 152 -19.22 -7.27 8.45
C ALA A 152 -19.24 -6.06 7.53
N MET A 153 -19.76 -6.24 6.33
CA MET A 153 -19.77 -5.19 5.32
C MET A 153 -21.16 -5.10 4.72
N TYR A 154 -21.68 -3.88 4.65
CA TYR A 154 -22.99 -3.59 4.08
C TYR A 154 -22.78 -2.83 2.78
N CYS A 155 -23.23 -3.42 1.66
CA CYS A 155 -23.09 -2.82 0.35
C CYS A 155 -24.45 -2.83 -0.36
N TYR A 156 -24.53 -2.08 -1.44
CA TYR A 156 -25.59 -2.26 -2.43
C TYR A 156 -24.95 -2.54 -3.77
N VAL A 157 -25.68 -3.25 -4.63
CA VAL A 157 -25.20 -3.59 -5.96
C VAL A 157 -25.69 -2.51 -6.92
N SER A 158 -24.76 -1.72 -7.46
CA SER A 158 -25.12 -0.62 -8.35
C SER A 158 -25.16 -1.12 -9.79
N THR A 159 -26.23 -0.76 -10.51
CA THR A 159 -26.37 -1.11 -11.92
C THR A 159 -26.67 0.07 -12.81
N GLN A 160 -26.68 1.29 -12.27
CA GLN A 160 -27.09 2.48 -13.00
C GLN A 160 -26.62 3.69 -12.19
N LEU A 161 -26.95 4.88 -12.70
CA LEU A 161 -26.60 6.11 -12.01
C LEU A 161 -27.39 6.24 -10.71
N GLU A 162 -26.79 6.95 -9.75
CA GLU A 162 -27.49 7.24 -8.50
C GLU A 162 -28.78 8.00 -8.74
N THR A 163 -28.75 8.97 -9.66
CA THR A 163 -29.98 9.68 -10.02
C THR A 163 -31.02 8.75 -10.62
N ASP A 164 -30.59 7.73 -11.35
CA ASP A 164 -31.54 6.72 -11.83
C ASP A 164 -32.13 5.95 -10.66
N ASP A 165 -31.32 5.63 -9.65
CA ASP A 165 -31.85 5.00 -8.44
C ASP A 165 -32.96 5.84 -7.83
N TYR A 166 -32.70 7.13 -7.64
CA TYR A 166 -33.70 7.99 -7.00
C TYR A 166 -34.91 8.22 -7.89
N ALA A 167 -34.74 8.17 -9.21
CA ALA A 167 -35.87 8.34 -10.13
C ALA A 167 -36.77 7.12 -10.19
N GLY A 168 -36.22 5.94 -9.89
CA GLY A 168 -37.00 4.71 -9.91
C GLY A 168 -37.89 4.57 -8.70
N SER A 169 -38.48 3.38 -8.58
CA SER A 169 -39.44 3.11 -7.52
C SER A 169 -39.12 1.84 -6.72
N SER A 170 -37.99 1.18 -6.98
CA SER A 170 -37.64 -0.05 -6.31
C SER A 170 -36.15 -0.01 -5.96
N PRO A 171 -35.80 -0.29 -4.71
CA PRO A 171 -34.41 -0.11 -4.25
C PRO A 171 -33.47 -1.13 -4.87
N PRO A 172 -32.18 -0.81 -4.97
CA PRO A 172 -31.22 -1.78 -5.50
C PRO A 172 -31.00 -2.92 -4.52
N THR A 173 -30.26 -3.92 -4.99
CA THR A 173 -29.98 -5.09 -4.17
C THR A 173 -29.09 -4.70 -2.98
N GLN A 174 -29.50 -5.12 -1.79
CA GLN A 174 -28.75 -4.87 -0.56
C GLN A 174 -28.04 -6.16 -0.15
N LYS A 175 -26.73 -6.06 0.09
CA LYS A 175 -25.89 -7.21 0.40
C LYS A 175 -25.21 -7.03 1.75
N LEU A 176 -25.14 -8.12 2.50
CA LEU A 176 -24.44 -8.19 3.78
C LEU A 176 -23.39 -9.28 3.68
N THR A 177 -22.13 -8.93 3.91
CA THR A 177 -21.00 -9.83 3.77
C THR A 177 -20.31 -9.99 5.12
N LEU A 178 -20.07 -11.23 5.51
CA LEU A 178 -19.39 -11.56 6.76
C LEU A 178 -18.06 -12.22 6.41
N LEU A 179 -16.97 -11.65 6.94
CA LEU A 179 -15.61 -12.13 6.70
C LEU A 179 -15.00 -12.48 8.05
N PHE A 180 -14.58 -13.72 8.22
CA PHE A 180 -14.07 -14.14 9.51
C PHE A 180 -12.59 -14.51 9.43
N TYR A 181 -11.95 -14.52 10.59
CA TYR A 181 -10.53 -14.82 10.68
C TYR A 181 -10.22 -16.24 10.20
N ASN A 182 -11.17 -17.17 10.35
CA ASN A 182 -10.97 -18.53 9.85
C ASN A 182 -11.14 -18.64 8.33
N ASP A 183 -11.13 -17.50 7.64
CA ASP A 183 -11.17 -17.41 6.18
C ASP A 183 -12.53 -17.79 5.59
N THR A 184 -13.59 -17.75 6.40
CA THR A 184 -14.94 -17.99 5.91
C THR A 184 -15.54 -16.66 5.46
N VAL A 185 -16.18 -16.68 4.29
CA VAL A 185 -16.86 -15.52 3.73
C VAL A 185 -18.29 -15.92 3.39
N THR A 186 -19.25 -15.17 3.91
CA THR A 186 -20.67 -15.46 3.69
C THR A 186 -21.36 -14.18 3.23
N GLU A 187 -22.00 -14.22 2.06
CA GLU A 187 -22.71 -13.06 1.56
C GLU A 187 -24.18 -13.39 1.36
N ARG A 188 -25.04 -12.46 1.78
CA ARG A 188 -26.48 -12.63 1.71
C ARG A 188 -27.12 -11.38 1.13
N THR A 189 -28.20 -11.59 0.39
CA THR A 189 -29.08 -10.51 -0.01
C THR A 189 -30.12 -10.30 1.09
N ILE A 190 -30.32 -9.05 1.50
CA ILE A 190 -31.26 -8.76 2.58
C ILE A 190 -32.33 -7.79 2.09
N SER A 191 -33.50 -7.89 2.72
CA SER A 191 -34.62 -6.97 2.48
C SER A 191 -35.13 -6.54 3.84
N PRO A 192 -34.49 -5.55 4.46
CA PRO A 192 -34.85 -5.17 5.83
C PRO A 192 -36.30 -4.73 5.94
N THR A 193 -36.88 -4.98 7.12
CA THR A 193 -38.25 -4.58 7.41
C THR A 193 -38.40 -3.08 7.25
N GLY A 194 -39.41 -2.68 6.47
CA GLY A 194 -39.69 -1.28 6.22
C GLY A 194 -39.16 -0.76 4.90
N LEU A 195 -38.36 -1.55 4.19
CA LEU A 195 -37.75 -1.08 2.95
C LEU A 195 -38.73 -1.11 1.78
N GLU A 196 -39.31 -2.28 1.52
CA GLU A 196 -40.13 -2.45 0.33
C GLU A 196 -41.42 -1.65 0.44
N GLY A 197 -41.76 -0.93 -0.62
CA GLY A 197 -42.94 -0.10 -0.64
C GLY A 197 -42.75 1.33 -0.16
N ASN A 198 -41.67 1.60 0.57
CA ASN A 198 -41.45 2.93 1.13
C ASN A 198 -40.30 3.69 0.49
N TRP A 199 -39.37 3.00 -0.16
CA TRP A 199 -38.13 3.61 -0.63
C TRP A 199 -37.96 3.41 -2.14
N ALA A 200 -37.57 4.48 -2.82
CA ALA A 200 -37.09 4.35 -4.19
C ALA A 200 -35.70 3.75 -4.23
N THR A 201 -34.86 4.08 -3.26
CA THR A 201 -33.50 3.56 -3.22
C THR A 201 -32.95 3.65 -1.80
N LEU A 202 -31.94 2.84 -1.52
CA LEU A 202 -31.27 2.82 -0.22
C LEU A 202 -29.84 2.33 -0.42
N VAL A 203 -28.89 3.04 0.18
CA VAL A 203 -27.47 2.68 0.09
C VAL A 203 -26.84 2.77 1.47
N PRO A 204 -25.71 2.10 1.68
CA PRO A 204 -24.99 2.23 2.95
C PRO A 204 -24.30 3.58 3.06
N GLY A 205 -23.99 3.95 4.30
CA GLY A 205 -23.51 5.27 4.64
C GLY A 205 -22.03 5.56 4.48
N VAL A 206 -21.23 4.62 3.97
CA VAL A 206 -19.80 4.85 3.68
C VAL A 206 -19.06 5.24 4.96
N GLY A 207 -19.59 4.83 6.09
CA GLY A 207 -18.95 5.06 7.36
C GLY A 207 -19.16 3.84 8.21
N SER A 208 -18.23 3.61 9.12
CA SER A 208 -18.23 2.35 9.83
C SER A 208 -19.51 2.18 10.62
N GLY A 209 -20.01 0.95 10.64
CA GLY A 209 -21.06 0.55 11.57
C GLY A 209 -20.46 0.12 12.89
N ILE A 210 -21.30 -0.45 13.74
CA ILE A 210 -20.89 -0.79 15.10
C ILE A 210 -21.62 -2.05 15.54
N TYR A 211 -20.96 -2.82 16.40
CA TYR A 211 -21.54 -3.99 17.05
C TYR A 211 -21.78 -3.65 18.51
N PHE A 212 -23.04 -3.71 18.92
CA PHE A 212 -23.50 -3.11 20.17
C PHE A 212 -24.73 -3.84 20.66
N GLU A 213 -24.62 -4.51 21.81
CA GLU A 213 -25.72 -5.20 22.48
C GLU A 213 -26.44 -6.16 21.53
N ASN A 214 -25.68 -7.13 21.01
CA ASN A 214 -26.18 -8.12 20.05
C ASN A 214 -26.80 -7.49 18.81
N LYS A 215 -26.47 -6.23 18.52
CA LYS A 215 -26.98 -5.55 17.35
C LYS A 215 -25.83 -5.14 16.44
N LEU A 216 -26.01 -5.33 15.15
CA LEU A 216 -25.10 -4.82 14.14
C LEU A 216 -25.80 -3.65 13.46
N ILE A 217 -25.22 -2.45 13.60
CA ILE A 217 -25.90 -1.22 13.19
C ILE A 217 -25.03 -0.52 12.16
N PHE A 218 -25.58 -0.31 10.97
CA PHE A 218 -24.94 0.39 9.87
C PHE A 218 -25.66 1.69 9.59
N PRO A 219 -24.94 2.76 9.26
CA PRO A 219 -25.60 3.95 8.71
C PRO A 219 -26.08 3.68 7.29
N ALA A 220 -27.15 4.38 6.90
CA ALA A 220 -27.66 4.25 5.55
C ALA A 220 -28.42 5.53 5.20
N TYR A 221 -28.70 5.69 3.92
CA TYR A 221 -29.51 6.81 3.46
C TYR A 221 -30.07 6.47 2.09
N GLY A 222 -31.12 7.18 1.70
CA GLY A 222 -31.73 6.94 0.41
C GLY A 222 -32.88 7.89 0.16
N GLY A 223 -33.77 7.46 -0.74
CA GLY A 223 -34.90 8.28 -1.10
C GLY A 223 -36.22 7.63 -0.73
N VAL A 224 -37.04 8.32 0.04
CA VAL A 224 -38.35 7.82 0.43
C VAL A 224 -39.37 8.34 -0.56
N LEU A 225 -40.23 7.44 -1.03
CA LEU A 225 -41.33 7.77 -1.90
C LEU A 225 -42.31 8.68 -1.16
N PRO A 226 -42.57 9.90 -1.65
CA PRO A 226 -43.43 10.83 -0.89
C PRO A 226 -44.84 10.30 -0.62
N ASN A 227 -45.41 9.51 -1.53
CA ASN A 227 -46.77 9.03 -1.37
C ASN A 227 -46.89 7.75 -0.54
N SER A 228 -45.76 7.15 -0.14
CA SER A 228 -45.81 5.90 0.61
C SER A 228 -46.25 6.15 2.05
N THR A 229 -46.35 5.06 2.81
CA THR A 229 -46.73 5.15 4.22
C THR A 229 -45.74 6.01 5.00
N LEU A 230 -44.45 5.67 4.90
CA LEU A 230 -43.41 6.44 5.59
C LEU A 230 -43.37 7.88 5.09
N GLY A 231 -43.56 8.07 3.78
CA GLY A 231 -43.57 9.41 3.22
C GLY A 231 -44.68 10.27 3.78
N VAL A 232 -45.89 9.70 3.88
CA VAL A 232 -47.02 10.45 4.40
C VAL A 232 -46.86 10.70 5.90
N LYS A 233 -46.29 9.74 6.62
CA LYS A 233 -46.09 9.93 8.06
C LYS A 233 -45.13 11.08 8.34
N SER A 234 -44.03 11.16 7.58
CA SER A 234 -42.96 12.11 7.83
C SER A 234 -43.02 13.33 6.90
N ALA A 235 -44.20 13.62 6.34
CA ALA A 235 -44.27 14.61 5.28
C ALA A 235 -43.87 16.01 5.75
N ARG A 236 -44.21 16.35 7.00
CA ARG A 236 -43.98 17.71 7.49
C ARG A 236 -42.79 17.80 8.44
N GLU A 237 -41.94 16.78 8.49
CA GLU A 237 -40.81 16.77 9.41
C GLU A 237 -39.63 17.55 8.82
N PHE A 238 -39.02 18.41 9.64
CA PHE A 238 -37.85 19.16 9.21
C PHE A 238 -37.08 19.61 10.43
N PHE A 239 -35.79 19.86 10.22
CA PHE A 239 -34.88 20.35 11.26
C PHE A 239 -34.07 21.48 10.66
N ARG A 240 -34.04 22.63 11.35
CA ARG A 240 -33.32 23.81 10.90
C ARG A 240 -32.35 24.26 11.98
N PRO A 241 -31.11 23.79 11.95
CA PRO A 241 -30.10 24.30 12.88
C PRO A 241 -29.76 25.74 12.53
N VAL A 242 -29.46 26.54 13.57
CA VAL A 242 -29.10 27.94 13.41
C VAL A 242 -27.79 28.19 14.11
N ASN A 243 -26.87 28.88 13.43
CA ASN A 243 -25.64 29.35 14.05
C ASN A 243 -25.92 30.73 14.64
N PRO A 244 -25.88 30.89 15.98
CA PRO A 244 -26.19 32.20 16.56
C PRO A 244 -25.21 33.29 16.16
N TYR A 245 -23.99 32.93 15.79
CA TYR A 245 -22.99 33.90 15.36
C TYR A 245 -23.06 34.21 13.88
N ASN A 246 -23.70 33.36 13.08
CA ASN A 246 -23.89 33.59 11.65
C ASN A 246 -25.32 33.19 11.29
N PRO A 247 -26.31 34.00 11.65
CA PRO A 247 -27.70 33.64 11.39
C PRO A 247 -28.10 33.90 9.95
N CYS A 248 -29.06 33.11 9.48
CA CYS A 248 -29.64 33.33 8.16
C CYS A 248 -30.76 34.35 8.24
N SER A 249 -30.82 35.23 7.24
CA SER A 249 -31.79 36.32 7.22
C SER A 249 -33.15 35.85 6.71
N GLY A 250 -34.20 36.28 7.42
CA GLY A 250 -35.55 35.99 7.01
C GLY A 250 -36.46 35.72 8.20
N PRO A 251 -37.77 35.72 7.95
CA PRO A 251 -38.72 35.36 9.01
C PRO A 251 -38.70 33.86 9.30
N GLN A 252 -39.12 33.52 10.52
CA GLN A 252 -39.05 32.13 10.97
C GLN A 252 -39.83 31.20 10.06
N GLN A 253 -41.01 31.63 9.60
CA GLN A 253 -41.87 30.75 8.82
C GLN A 253 -41.28 30.46 7.44
N ASP A 254 -40.75 31.49 6.78
CA ASP A 254 -40.15 31.28 5.47
C ASP A 254 -38.92 30.39 5.57
N LEU A 255 -38.08 30.62 6.59
CA LEU A 255 -36.92 29.76 6.79
C LEU A 255 -37.33 28.31 7.07
N ASP A 256 -38.41 28.12 7.82
CA ASP A 256 -38.87 26.76 8.10
C ASP A 256 -39.37 26.09 6.83
N GLN A 257 -40.13 26.82 6.01
CA GLN A 257 -40.61 26.26 4.74
C GLN A 257 -39.44 25.90 3.82
N ARG A 258 -38.43 26.77 3.76
CA ARG A 258 -37.25 26.48 2.94
C ARG A 258 -36.50 25.26 3.46
N ALA A 259 -36.38 25.13 4.78
CA ALA A 259 -35.68 23.98 5.35
C ALA A 259 -36.44 22.69 5.10
N LEU A 260 -37.77 22.75 5.12
CA LEU A 260 -38.57 21.57 4.78
C LEU A 260 -38.42 21.22 3.30
N ARG A 261 -38.42 22.23 2.42
CA ARG A 261 -38.28 21.96 0.99
C ARG A 261 -36.91 21.38 0.68
N SER A 262 -35.90 21.69 1.50
CA SER A 262 -34.55 21.20 1.23
C SER A 262 -34.44 19.69 1.34
N TYR A 263 -35.42 19.01 1.93
CA TYR A 263 -35.38 17.56 2.01
C TYR A 263 -35.80 16.86 0.72
N PHE A 264 -36.32 17.61 -0.26
CA PHE A 264 -36.84 17.03 -1.51
C PHE A 264 -36.13 17.65 -2.71
N PRO A 265 -34.84 17.35 -2.90
CA PRO A 265 -34.13 17.93 -4.04
C PRO A 265 -34.58 17.32 -5.37
N SER A 266 -34.79 18.18 -6.36
CA SER A 266 -35.17 17.70 -7.68
C SER A 266 -34.01 16.97 -8.38
N TYR A 267 -32.79 17.14 -7.88
CA TYR A 267 -31.68 16.34 -8.39
C TYR A 267 -31.89 14.86 -8.13
N PHE A 268 -32.62 14.53 -7.06
CA PHE A 268 -32.97 13.16 -6.72
C PHE A 268 -34.47 12.91 -6.90
N SER A 269 -35.06 13.53 -7.93
CA SER A 269 -36.44 13.29 -8.34
C SER A 269 -37.45 13.67 -7.26
N ASN A 270 -37.09 14.62 -6.40
CA ASN A 270 -37.98 15.16 -5.37
C ASN A 270 -38.42 14.13 -4.34
N ARG A 271 -37.71 13.00 -4.24
CA ARG A 271 -37.92 12.09 -3.13
C ARG A 271 -37.53 12.75 -1.82
N ARG A 272 -38.01 12.19 -0.71
CA ARG A 272 -37.54 12.64 0.60
C ARG A 272 -36.20 11.97 0.88
N VAL A 273 -35.10 12.71 0.75
CA VAL A 273 -33.80 12.11 1.01
C VAL A 273 -33.63 11.95 2.52
N GLN A 274 -33.40 10.71 2.95
CA GLN A 274 -33.61 10.31 4.33
C GLN A 274 -32.47 9.44 4.82
N SER A 275 -31.95 9.76 6.01
CA SER A 275 -31.02 8.89 6.71
C SER A 275 -31.77 7.80 7.48
N ALA A 276 -31.12 6.67 7.66
CA ALA A 276 -31.73 5.53 8.34
C ALA A 276 -30.63 4.65 8.90
N PHE A 277 -31.03 3.68 9.70
CA PHE A 277 -30.09 2.76 10.32
C PHE A 277 -30.49 1.33 10.01
N LEU A 278 -29.55 0.57 9.46
CA LEU A 278 -29.74 -0.86 9.26
C LEU A 278 -29.37 -1.59 10.55
N VAL A 279 -30.34 -2.26 11.16
CA VAL A 279 -30.16 -2.92 12.45
C VAL A 279 -30.38 -4.42 12.26
N CYS A 280 -29.36 -5.21 12.54
CA CYS A 280 -29.41 -6.66 12.38
C CYS A 280 -29.17 -7.32 13.72
N ALA A 281 -29.95 -8.36 14.02
CA ALA A 281 -29.70 -9.18 15.20
C ALA A 281 -28.51 -10.08 14.94
N TRP A 282 -27.42 -9.90 15.69
CA TRP A 282 -26.19 -10.63 15.41
C TRP A 282 -26.38 -12.13 15.64
N ASN A 283 -27.13 -12.50 16.68
CA ASN A 283 -27.37 -13.91 16.96
C ASN A 283 -28.13 -14.60 15.83
N GLN A 284 -28.82 -13.85 14.98
CA GLN A 284 -29.56 -14.40 13.86
C GLN A 284 -29.01 -13.89 12.52
N ILE A 285 -27.72 -13.54 12.50
CA ILE A 285 -27.16 -12.82 11.34
C ILE A 285 -27.17 -13.65 10.07
N LEU A 286 -27.29 -14.97 10.16
CA LEU A 286 -27.33 -15.82 8.98
C LEU A 286 -28.72 -15.92 8.37
N VAL A 287 -29.78 -15.63 9.14
CA VAL A 287 -31.14 -15.80 8.65
C VAL A 287 -31.97 -14.52 8.72
N THR A 288 -31.56 -13.52 9.49
CA THR A 288 -32.39 -12.33 9.64
C THR A 288 -32.32 -11.48 8.39
N ASN A 289 -33.38 -10.72 8.15
CA ASN A 289 -33.40 -9.74 7.08
C ASN A 289 -33.08 -8.33 7.57
N CYS A 290 -32.88 -8.16 8.88
CA CYS A 290 -32.58 -6.87 9.50
C CYS A 290 -33.76 -5.93 9.44
N GLU A 291 -33.56 -4.69 9.86
CA GLU A 291 -34.65 -3.75 10.11
C GLU A 291 -34.15 -2.34 9.82
N LEU A 292 -34.99 -1.55 9.15
CA LEU A 292 -34.69 -0.14 8.92
C LEU A 292 -35.30 0.68 10.04
N VAL A 293 -34.45 1.34 10.82
CA VAL A 293 -34.90 2.27 11.85
C VAL A 293 -34.70 3.69 11.31
N VAL A 294 -35.78 4.41 11.14
CA VAL A 294 -35.78 5.70 10.45
C VAL A 294 -35.96 6.80 11.50
N PRO A 295 -35.02 7.73 11.62
CA PRO A 295 -35.18 8.82 12.59
C PRO A 295 -36.18 9.86 12.13
N SER A 296 -36.67 10.62 13.10
CA SER A 296 -37.55 11.73 12.81
C SER A 296 -36.76 12.87 12.18
N ASN A 297 -37.24 13.36 11.04
CA ASN A 297 -36.54 14.47 10.39
C ASN A 297 -36.72 15.78 11.13
N ASN A 298 -37.47 15.79 12.25
CA ASN A 298 -37.43 16.93 13.16
C ASN A 298 -36.10 17.01 13.91
N GLN A 299 -35.33 15.93 13.93
CA GLN A 299 -34.10 15.85 14.70
C GLN A 299 -32.86 15.69 13.84
N THR A 300 -32.99 15.54 12.52
CA THR A 300 -31.84 15.29 11.66
C THR A 300 -32.08 15.95 10.31
N LEU A 301 -30.98 16.25 9.63
CA LEU A 301 -31.03 16.94 8.35
C LEU A 301 -31.23 15.94 7.22
N MET A 302 -31.17 16.43 5.98
CA MET A 302 -31.38 15.58 4.81
C MET A 302 -30.45 14.38 4.83
N GLY A 303 -30.99 13.23 4.41
CA GLY A 303 -30.22 12.00 4.45
C GLY A 303 -28.91 12.13 3.69
N ALA A 304 -27.87 11.49 4.23
CA ALA A 304 -26.53 11.59 3.67
C ALA A 304 -25.71 10.41 4.19
N GLU A 305 -24.48 10.31 3.68
CA GLU A 305 -23.51 9.41 4.26
C GLU A 305 -23.34 9.72 5.75
N GLY A 306 -22.84 8.73 6.48
CA GLY A 306 -22.67 8.92 7.91
C GLY A 306 -21.85 7.81 8.52
N ARG A 307 -21.78 7.84 9.85
CA ARG A 307 -21.00 6.87 10.62
C ARG A 307 -21.64 6.71 11.98
N VAL A 308 -21.61 5.47 12.50
CA VAL A 308 -22.11 5.17 13.84
C VAL A 308 -20.92 4.83 14.72
N LEU A 309 -20.82 5.52 15.87
CA LEU A 309 -19.75 5.34 16.82
C LEU A 309 -20.31 4.87 18.16
N LEU A 310 -19.52 4.09 18.89
CA LEU A 310 -19.87 3.64 20.23
C LEU A 310 -18.70 3.99 21.15
N ILE A 311 -18.87 5.03 21.96
CA ILE A 311 -17.81 5.51 22.86
C ILE A 311 -18.38 5.55 24.27
N ASN A 312 -17.73 4.83 25.19
CA ASN A 312 -18.19 4.71 26.58
C ASN A 312 -19.61 4.18 26.65
N ASN A 313 -19.94 3.25 25.76
CA ASN A 313 -21.28 2.68 25.62
C ASN A 313 -22.34 3.73 25.30
N ARG A 314 -21.93 4.88 24.74
CA ARG A 314 -22.86 5.88 24.25
C ARG A 314 -22.76 5.92 22.73
N LEU A 315 -23.91 5.91 22.06
CA LEU A 315 -23.97 5.90 20.61
C LEU A 315 -23.98 7.30 20.02
N LEU A 316 -23.17 7.50 19.00
CA LEU A 316 -23.12 8.76 18.26
C LEU A 316 -23.28 8.47 16.77
N TYR A 317 -23.75 9.47 16.04
CA TYR A 317 -23.95 9.38 14.61
C TYR A 317 -23.39 10.63 13.94
N TYR A 318 -22.36 10.44 13.11
CA TYR A 318 -21.93 11.51 12.22
C TYR A 318 -22.79 11.50 10.96
N GLN A 319 -23.22 12.68 10.54
CA GLN A 319 -23.96 12.84 9.31
C GLN A 319 -23.20 13.79 8.41
N ARG A 320 -22.89 13.35 7.20
CA ARG A 320 -22.27 14.22 6.22
C ARG A 320 -23.17 15.40 5.91
N SER A 321 -22.57 16.57 5.72
CA SER A 321 -23.31 17.80 5.43
C SER A 321 -23.56 17.90 3.93
N THR A 322 -24.36 16.95 3.43
CA THR A 322 -24.72 16.97 2.02
C THR A 322 -25.73 18.06 1.71
N SER A 323 -26.46 18.53 2.72
CA SER A 323 -27.48 19.55 2.56
C SER A 323 -26.89 20.94 2.83
N TRP A 324 -27.78 21.94 2.95
CA TRP A 324 -27.37 23.34 3.00
C TRP A 324 -26.52 23.67 4.23
N TRP A 325 -26.73 22.99 5.34
CA TRP A 325 -25.99 23.30 6.57
C TRP A 325 -24.53 22.87 6.46
N PRO A 326 -23.57 23.80 6.51
CA PRO A 326 -22.18 23.46 6.18
C PRO A 326 -21.31 23.03 7.36
N TYR A 327 -21.82 23.00 8.57
CA TYR A 327 -21.00 22.69 9.73
C TYR A 327 -21.04 21.20 10.04
N GLU A 328 -20.20 20.79 10.98
CA GLU A 328 -20.04 19.36 11.28
C GLU A 328 -21.24 18.84 12.05
N LEU A 329 -21.83 17.75 11.57
CA LEU A 329 -23.05 17.18 12.13
C LEU A 329 -22.73 15.91 12.92
N LEU A 330 -22.87 15.99 14.23
CA LEU A 330 -22.69 14.84 15.12
C LEU A 330 -23.85 14.82 16.12
N TYR A 331 -24.52 13.68 16.22
CA TYR A 331 -25.70 13.52 17.07
C TYR A 331 -25.44 12.46 18.12
N GLU A 332 -25.93 12.70 19.33
CA GLU A 332 -26.06 11.63 20.31
C GLU A 332 -27.35 10.87 20.03
N ILE A 333 -27.26 9.55 19.86
CA ILE A 333 -28.42 8.78 19.45
C ILE A 333 -28.67 7.66 20.45
N SER A 334 -29.92 7.21 20.50
CA SER A 334 -30.30 6.09 21.35
C SER A 334 -31.46 5.34 20.73
N PHE A 335 -31.40 4.01 20.79
CA PHE A 335 -32.41 3.16 20.18
C PHE A 335 -33.36 2.59 21.22
N THR A 336 -34.60 2.40 20.80
CA THR A 336 -35.61 1.63 21.53
C THR A 336 -35.97 0.44 20.65
N PHE A 337 -35.55 -0.75 21.04
CA PHE A 337 -35.73 -1.95 20.21
C PHE A 337 -37.01 -2.69 20.60
N THR A 338 -37.72 -3.16 19.59
CA THR A 338 -38.97 -3.89 19.76
C THR A 338 -38.86 -5.26 19.11
N ASN A 339 -39.74 -6.16 19.54
CA ASN A 339 -39.77 -7.50 18.98
C ASN A 339 -40.55 -7.59 17.68
N SER A 340 -41.56 -6.73 17.49
CA SER A 340 -42.44 -6.79 16.34
C SER A 340 -41.92 -6.04 15.13
N GLY A 341 -40.80 -5.34 15.24
CA GLY A 341 -40.29 -4.54 14.16
C GLY A 341 -40.70 -3.09 14.22
N GLN A 342 -40.94 -2.55 15.42
CA GLN A 342 -41.33 -1.17 15.62
C GLN A 342 -40.23 -0.37 16.35
N SER A 343 -38.98 -0.74 16.11
CA SER A 343 -37.86 -0.06 16.76
C SER A 343 -37.85 1.42 16.37
N SER A 344 -37.33 2.24 17.28
CA SER A 344 -37.22 3.67 17.03
C SER A 344 -35.84 4.15 17.45
N VAL A 345 -35.48 5.34 16.98
CA VAL A 345 -34.21 5.95 17.36
C VAL A 345 -34.49 7.42 17.67
N ASN A 346 -33.84 7.93 18.71
CA ASN A 346 -33.96 9.32 19.10
C ASN A 346 -32.58 9.96 18.92
N MET A 347 -32.54 11.11 18.26
CA MET A 347 -31.30 11.81 17.93
C MET A 347 -31.30 13.19 18.56
N SER A 348 -30.13 13.60 19.05
CA SER A 348 -29.95 14.87 19.75
C SER A 348 -28.70 15.55 19.21
N TRP A 349 -28.90 16.64 18.48
CA TRP A 349 -27.82 17.33 17.79
C TRP A 349 -26.88 18.00 18.79
N ILE A 350 -25.58 17.84 18.56
CA ILE A 350 -24.55 18.56 19.31
C ILE A 350 -24.29 19.88 18.58
N PRO A 351 -24.53 21.02 19.21
CA PRO A 351 -24.46 22.30 18.48
C PRO A 351 -23.04 22.72 18.12
N ILE A 352 -22.64 22.44 16.87
CA ILE A 352 -21.29 22.67 16.40
C ILE A 352 -21.35 23.62 15.20
N TYR A 353 -20.61 24.73 15.27
CA TYR A 353 -20.50 25.66 14.16
C TYR A 353 -19.06 26.11 13.93
N SER A 354 -18.08 25.25 14.20
CA SER A 354 -16.68 25.66 14.13
C SER A 354 -16.24 25.94 12.69
N PHE A 355 -16.21 24.91 11.85
CA PHE A 355 -15.66 25.03 10.51
C PHE A 355 -16.65 24.47 9.50
N THR A 356 -16.47 24.85 8.24
CA THR A 356 -17.39 24.48 7.17
C THR A 356 -16.73 23.56 6.16
N ARG A 357 -17.57 22.75 5.46
CA ARG A 357 -17.06 21.86 4.42
C ARG A 357 -17.26 22.49 3.03
N PRO A 358 -16.42 22.13 2.06
CA PRO A 358 -16.57 22.73 0.73
C PRO A 358 -17.79 22.20 -0.02
N GLY A 359 -18.39 23.09 -0.81
CA GLY A 359 -19.51 22.75 -1.66
C GLY A 359 -19.57 23.68 -2.85
N SER A 360 -20.48 23.38 -3.78
CA SER A 360 -20.60 24.12 -5.01
C SER A 360 -21.89 24.93 -5.04
N GLY A 361 -21.87 26.02 -5.82
CA GLY A 361 -23.08 26.79 -6.06
C GLY A 361 -23.60 27.44 -4.79
N ASN A 362 -24.90 27.26 -4.54
CA ASN A 362 -25.54 27.77 -3.33
C ASN A 362 -25.28 26.89 -2.12
N CYS A 363 -24.41 25.90 -2.24
CA CYS A 363 -24.16 24.94 -1.16
C CYS A 363 -22.70 24.94 -0.74
N SER A 364 -22.00 26.05 -0.95
CA SER A 364 -20.62 26.17 -0.53
C SER A 364 -20.52 26.32 0.99
N GLY A 365 -19.28 26.30 1.48
CA GLY A 365 -19.03 26.48 2.90
C GLY A 365 -19.46 27.84 3.42
N GLU A 366 -19.75 28.80 2.54
CA GLU A 366 -20.19 30.12 2.94
C GLU A 366 -21.71 30.24 3.05
N ASN A 367 -22.46 29.24 2.58
CA ASN A 367 -23.91 29.27 2.67
C ASN A 367 -24.37 28.67 4.00
N VAL A 368 -25.26 29.39 4.69
CA VAL A 368 -25.82 28.94 5.96
C VAL A 368 -27.34 28.91 5.93
N CYS A 369 -27.96 29.25 4.80
CA CYS A 369 -29.41 29.34 4.67
C CYS A 369 -30.01 28.08 4.06
N PRO A 370 -31.20 27.70 4.50
CA PRO A 370 -31.84 26.50 3.96
C PRO A 370 -32.14 26.62 2.48
N THR A 371 -31.68 25.63 1.71
CA THR A 371 -31.93 25.52 0.29
C THR A 371 -31.66 24.08 -0.14
N ALA A 372 -32.21 23.71 -1.29
CA ALA A 372 -32.05 22.36 -1.80
C ALA A 372 -30.60 22.12 -2.22
N CYS A 373 -29.93 21.19 -1.55
CA CYS A 373 -28.51 20.94 -1.77
C CYS A 373 -28.24 19.45 -1.86
N VAL A 374 -27.45 19.06 -2.86
CA VAL A 374 -26.79 17.75 -2.89
C VAL A 374 -25.32 18.05 -3.16
N SER A 375 -24.57 18.32 -2.10
CA SER A 375 -23.20 18.80 -2.21
C SER A 375 -22.42 18.28 -1.00
N GLY A 376 -21.24 18.85 -0.77
CA GLY A 376 -20.49 18.54 0.41
C GLY A 376 -19.47 17.45 0.15
N VAL A 377 -19.08 16.78 1.24
CA VAL A 377 -18.02 15.77 1.21
C VAL A 377 -17.98 15.07 2.56
N TYR A 378 -17.63 13.78 2.55
CA TYR A 378 -17.54 13.02 3.79
C TYR A 378 -16.30 13.43 4.58
N LEU A 379 -16.52 13.96 5.78
CA LEU A 379 -15.44 14.33 6.70
C LEU A 379 -15.92 14.06 8.12
N ASP A 380 -15.51 12.92 8.72
CA ASP A 380 -16.16 12.61 9.97
C ASP A 380 -15.31 13.05 11.15
N PRO A 381 -15.92 13.24 12.33
CA PRO A 381 -15.16 13.70 13.49
C PRO A 381 -14.94 12.60 14.53
N TRP A 382 -13.85 12.69 15.29
CA TRP A 382 -13.70 11.82 16.43
C TRP A 382 -13.84 12.65 17.70
N PRO A 383 -14.86 12.41 18.52
CA PRO A 383 -15.03 13.21 19.74
C PRO A 383 -14.06 12.76 20.81
N LEU A 384 -13.33 13.72 21.38
CA LEU A 384 -12.39 13.45 22.45
C LEU A 384 -13.03 13.57 23.83
N THR A 385 -14.20 14.18 23.90
CA THR A 385 -14.90 14.47 25.14
C THR A 385 -16.36 14.06 24.99
N PRO A 386 -17.00 13.68 26.09
CA PRO A 386 -18.46 13.55 26.07
C PRO A 386 -19.10 14.92 25.90
N TYR A 387 -20.30 14.94 25.34
CA TYR A 387 -21.10 16.15 25.35
C TYR A 387 -22.14 16.12 26.46
N SER A 388 -22.98 15.08 26.47
CA SER A 388 -23.97 14.88 27.52
C SER A 388 -23.42 13.81 28.45
N HIS A 389 -23.29 14.16 29.73
CA HIS A 389 -22.83 13.22 30.74
C HIS A 389 -23.84 13.19 31.87
N GLN A 390 -23.62 12.26 32.80
CA GLN A 390 -24.59 11.96 33.83
C GLN A 390 -24.97 13.20 34.63
N SER A 391 -24.00 14.10 34.87
CA SER A 391 -24.24 15.27 35.70
C SER A 391 -24.61 16.52 34.92
N GLY A 392 -24.53 16.52 33.59
CA GLY A 392 -24.88 17.70 32.83
C GLY A 392 -24.31 17.64 31.42
N ILE A 393 -24.20 18.82 30.81
CA ILE A 393 -23.73 18.97 29.44
C ILE A 393 -22.37 19.66 29.46
N ASN A 394 -21.42 19.13 28.70
CA ASN A 394 -20.05 19.63 28.65
C ASN A 394 -19.93 20.65 27.51
N ARG A 395 -19.88 21.93 27.85
CA ARG A 395 -19.68 22.96 26.84
C ARG A 395 -18.25 22.97 26.31
N ASN A 396 -17.31 22.37 27.03
CA ASN A 396 -15.92 22.29 26.59
C ASN A 396 -15.69 21.10 25.66
N PHE A 397 -16.71 20.71 24.91
CA PHE A 397 -16.60 19.67 23.90
C PHE A 397 -15.41 19.91 22.96
N TYR A 398 -14.69 18.83 22.65
CA TYR A 398 -13.60 18.87 21.68
C TYR A 398 -13.68 17.65 20.77
N PHE A 399 -13.39 17.85 19.48
CA PHE A 399 -13.32 16.75 18.53
C PHE A 399 -12.22 17.02 17.53
N THR A 400 -11.71 15.96 16.93
CA THR A 400 -10.57 16.07 16.02
C THR A 400 -10.88 15.35 14.72
N GLY A 401 -10.22 15.78 13.65
CA GLY A 401 -10.41 15.14 12.37
C GLY A 401 -9.56 15.77 11.30
N ALA A 402 -9.93 15.51 10.04
CA ALA A 402 -9.29 16.13 8.88
C ALA A 402 -10.34 16.87 8.09
N LEU A 403 -10.10 18.16 7.84
CA LEU A 403 -10.98 18.99 7.05
C LEU A 403 -10.32 19.35 5.73
N LEU A 404 -11.09 19.97 4.86
CA LEU A 404 -10.63 20.46 3.57
C LEU A 404 -10.72 21.98 3.61
N ASN A 405 -9.56 22.66 3.61
CA ASN A 405 -9.51 24.10 3.83
C ASN A 405 -9.87 24.83 2.54
N SER A 406 -11.18 24.90 2.29
CA SER A 406 -11.76 25.56 1.13
C SER A 406 -13.26 25.55 1.29
N SER A 407 -13.92 26.57 0.75
CA SER A 407 -15.36 26.62 0.79
C SER A 407 -16.02 26.08 -0.47
N THR A 408 -15.25 25.89 -1.54
CA THR A 408 -15.79 25.42 -2.81
C THR A 408 -15.14 24.16 -3.35
N THR A 409 -13.91 23.86 -2.94
CA THR A 409 -13.11 22.84 -3.61
C THR A 409 -12.62 21.80 -2.60
N ARG A 410 -12.50 20.56 -3.08
CA ARG A 410 -11.95 19.46 -2.29
C ARG A 410 -10.44 19.53 -2.39
N VAL A 411 -9.83 20.33 -1.49
CA VAL A 411 -8.41 20.64 -1.58
C VAL A 411 -7.94 21.02 -0.18
N ASN A 412 -6.61 20.96 0.04
CA ASN A 412 -5.96 21.39 1.27
C ASN A 412 -6.35 20.55 2.48
N PRO A 413 -6.06 19.26 2.48
CA PRO A 413 -6.31 18.44 3.69
C PRO A 413 -5.57 19.00 4.91
N THR A 414 -6.29 19.13 6.02
CA THR A 414 -5.76 19.77 7.22
C THR A 414 -6.24 19.02 8.45
N LEU A 415 -5.30 18.48 9.23
CA LEU A 415 -5.65 17.92 10.53
C LEU A 415 -6.08 19.06 11.46
N TYR A 416 -7.06 18.79 12.31
CA TYR A 416 -7.58 19.83 13.18
C TYR A 416 -8.05 19.22 14.49
N VAL A 417 -7.96 20.04 15.53
CA VAL A 417 -8.74 19.86 16.76
C VAL A 417 -9.61 21.09 16.92
N SER A 418 -10.90 20.86 17.21
CA SER A 418 -11.93 21.88 17.18
C SER A 418 -12.79 21.81 18.44
N ALA A 419 -13.21 22.99 18.92
CA ALA A 419 -14.20 23.11 19.96
C ALA A 419 -15.58 23.25 19.30
N LEU A 420 -16.60 23.58 20.11
CA LEU A 420 -17.94 23.80 19.56
C LEU A 420 -17.96 24.98 18.59
N ASN A 421 -17.36 26.11 18.98
CA ASN A 421 -17.48 27.35 18.23
C ASN A 421 -16.25 27.71 17.42
N ASN A 422 -15.10 27.07 17.66
CA ASN A 422 -13.87 27.55 17.04
C ASN A 422 -12.86 26.40 16.94
N LEU A 423 -11.88 26.60 16.07
CA LEU A 423 -10.81 25.62 15.89
C LEU A 423 -9.72 25.85 16.94
N LYS A 424 -9.26 24.77 17.55
CA LYS A 424 -8.21 24.86 18.55
C LYS A 424 -6.82 24.74 17.95
N VAL A 425 -6.63 23.88 16.95
CA VAL A 425 -5.31 23.74 16.33
C VAL A 425 -5.48 23.18 14.92
N LEU A 426 -4.56 23.58 14.02
CA LEU A 426 -4.55 23.21 12.61
C LEU A 426 -3.16 22.76 12.20
N ALA A 427 -3.11 21.72 11.36
CA ALA A 427 -1.85 21.18 10.86
C ALA A 427 -2.10 20.66 9.45
N PRO A 428 -1.69 21.41 8.42
CA PRO A 428 -1.91 20.94 7.04
C PRO A 428 -1.13 19.66 6.78
N TYR A 429 -1.68 18.84 5.89
CA TYR A 429 -0.93 17.74 5.30
C TYR A 429 -0.57 18.12 3.87
N GLY A 430 0.71 18.09 3.56
CA GLY A 430 1.17 18.43 2.24
C GLY A 430 1.19 19.92 1.99
N ASN A 431 1.32 20.27 0.72
CA ASN A 431 1.40 21.66 0.29
C ASN A 431 0.01 22.19 -0.02
N GLN A 432 -0.10 23.51 -0.07
CA GLN A 432 -1.35 24.13 -0.52
C GLN A 432 -1.60 23.77 -1.98
N GLY A 433 -2.85 23.47 -2.29
CA GLY A 433 -3.24 23.02 -3.60
C GLY A 433 -3.34 21.52 -3.75
N LEU A 434 -2.98 20.76 -2.72
CA LEU A 434 -3.14 19.31 -2.75
C LEU A 434 -4.61 18.93 -2.68
N PHE A 435 -5.07 18.16 -3.65
CA PHE A 435 -6.46 17.74 -3.69
C PHE A 435 -6.71 16.58 -2.74
N ALA A 436 -7.80 16.65 -1.99
CA ALA A 436 -8.17 15.60 -1.07
C ALA A 436 -9.69 15.57 -0.93
N SER A 437 -10.24 14.39 -0.70
CA SER A 437 -11.69 14.27 -0.58
C SER A 437 -12.12 13.69 0.76
N TYR A 438 -12.29 12.37 0.86
CA TYR A 438 -12.93 11.78 2.02
C TYR A 438 -11.90 11.58 3.13
N THR A 439 -12.32 11.86 4.36
CA THR A 439 -11.48 11.64 5.53
C THR A 439 -12.32 10.96 6.62
N THR A 440 -11.69 10.02 7.32
CA THR A 440 -12.28 9.37 8.48
C THR A 440 -11.22 9.25 9.57
N THR A 441 -11.56 9.66 10.78
CA THR A 441 -10.60 9.78 11.85
C THR A 441 -11.00 8.90 13.03
N THR A 442 -10.01 8.25 13.63
CA THR A 442 -10.21 7.42 14.81
C THR A 442 -9.08 7.64 15.79
N CYS A 443 -9.40 7.88 17.06
CA CYS A 443 -8.38 8.04 18.09
C CYS A 443 -8.50 6.95 19.14
N PHE A 444 -7.36 6.61 19.72
CA PHE A 444 -7.23 5.60 20.75
C PHE A 444 -6.06 5.98 21.65
N GLN A 445 -5.98 5.33 22.80
CA GLN A 445 -4.94 5.67 23.76
C GLN A 445 -4.10 4.45 24.10
N ASP A 446 -2.80 4.67 24.19
CA ASP A 446 -1.87 3.68 24.75
C ASP A 446 -1.96 3.76 26.26
N THR A 447 -2.51 2.73 26.90
CA THR A 447 -2.61 2.79 28.35
C THR A 447 -1.29 2.49 29.04
N GLY A 448 -0.24 2.14 28.30
CA GLY A 448 1.05 1.91 28.91
C GLY A 448 1.80 3.20 29.20
N ASP A 449 1.82 4.12 28.24
CA ASP A 449 2.56 5.37 28.39
C ASP A 449 1.67 6.61 28.27
N ALA A 450 0.35 6.43 28.21
CA ALA A 450 -0.66 7.49 28.09
C ALA A 450 -0.63 8.22 26.76
N SER A 451 0.06 7.69 25.76
CA SER A 451 0.09 8.34 24.46
C SER A 451 -1.29 8.28 23.80
N VAL A 452 -1.70 9.42 23.24
CA VAL A 452 -2.96 9.53 22.52
C VAL A 452 -2.64 9.53 21.03
N TYR A 453 -3.14 8.53 20.31
CA TYR A 453 -2.92 8.42 18.88
C TYR A 453 -4.22 8.67 18.13
N CYS A 454 -4.12 9.44 17.06
CA CYS A 454 -5.23 9.64 16.14
C CYS A 454 -4.76 9.26 14.74
N VAL A 455 -5.54 8.43 14.05
CA VAL A 455 -5.29 8.08 12.66
C VAL A 455 -6.31 8.82 11.81
N TYR A 456 -5.81 9.60 10.86
CA TYR A 456 -6.59 10.37 9.90
C TYR A 456 -6.44 9.68 8.55
N ILE A 457 -7.48 8.98 8.12
CA ILE A 457 -7.46 8.28 6.84
C ILE A 457 -8.06 9.21 5.80
N MET A 458 -7.25 9.60 4.82
CA MET A 458 -7.63 10.66 3.88
C MET A 458 -7.44 10.22 2.43
N GLU A 459 -8.42 10.53 1.59
CA GLU A 459 -8.27 10.37 0.15
C GLU A 459 -7.37 11.50 -0.37
N LEU A 460 -6.14 11.17 -0.77
CA LEU A 460 -5.22 12.20 -1.25
C LEU A 460 -4.90 11.98 -2.73
N ALA A 461 -4.82 13.07 -3.48
CA ALA A 461 -4.44 12.99 -4.88
C ALA A 461 -2.94 12.73 -4.99
N SER A 462 -2.59 11.67 -5.72
CA SER A 462 -1.21 11.27 -5.92
C SER A 462 -0.78 11.52 -7.36
N ASN A 463 0.50 11.86 -7.53
CA ASN A 463 1.06 12.10 -8.85
C ASN A 463 1.33 10.82 -9.63
N ILE A 464 1.31 9.66 -8.98
CA ILE A 464 1.71 8.42 -9.67
C ILE A 464 0.59 7.37 -9.66
N VAL A 465 -0.30 7.38 -8.67
CA VAL A 465 -1.38 6.39 -8.62
C VAL A 465 -2.75 7.02 -8.86
N GLY A 466 -2.81 8.32 -9.11
CA GLY A 466 -4.04 8.91 -9.60
C GLY A 466 -5.04 9.21 -8.49
N GLU A 467 -6.32 9.06 -8.82
CA GLU A 467 -7.35 9.60 -7.96
C GLU A 467 -7.38 8.84 -6.65
N PHE A 468 -6.74 9.47 -5.67
CA PHE A 468 -6.72 9.11 -4.25
C PHE A 468 -6.01 7.81 -3.90
N GLN A 469 -4.78 7.98 -3.47
CA GLN A 469 -4.15 7.09 -2.52
C GLN A 469 -4.78 7.42 -1.19
N ILE A 470 -5.49 6.45 -0.63
CA ILE A 470 -6.08 6.61 0.69
C ILE A 470 -4.98 6.36 1.73
N LEU A 471 -4.58 7.40 2.45
CA LEU A 471 -3.44 7.36 3.34
C LEU A 471 -3.88 7.41 4.80
N PRO A 472 -3.45 6.44 5.61
CA PRO A 472 -3.69 6.54 7.06
C PRO A 472 -2.55 7.26 7.77
N VAL A 473 -2.78 8.50 8.18
CA VAL A 473 -1.75 9.30 8.84
C VAL A 473 -1.92 9.12 10.34
N LEU A 474 -0.96 8.47 10.98
CA LEU A 474 -0.98 8.30 12.43
C LEU A 474 -0.18 9.43 13.08
N THR A 475 -0.81 10.13 14.02
CA THR A 475 -0.15 11.18 14.77
C THR A 475 -0.39 10.97 16.26
N ARG A 476 0.48 11.56 17.05
CA ARG A 476 0.32 11.62 18.50
C ARG A 476 -0.28 12.97 18.84
N LEU A 477 -1.30 12.97 19.68
CA LEU A 477 -2.00 14.19 20.07
C LEU A 477 -1.56 14.59 21.48
N THR A 478 -1.00 15.79 21.62
CA THR A 478 -0.58 16.31 22.91
C THR A 478 -1.68 17.22 23.45
N ILE A 479 -2.12 16.93 24.68
CA ILE A 479 -3.23 17.64 25.32
C ILE A 479 -2.71 18.28 26.60
N THR A 480 -2.85 19.60 26.71
CA THR A 480 -2.42 20.34 27.89
C THR A 480 -3.56 21.23 28.38
N GLY A 481 -3.27 22.01 29.41
CA GLY A 481 -4.22 22.97 29.94
C GLY A 481 -4.10 24.33 29.29
N ILE B 30 -6.32 -21.65 3.94
CA ILE B 30 -5.73 -21.14 2.71
C ILE B 30 -4.31 -21.67 2.53
N PRO B 31 -4.14 -22.62 1.61
CA PRO B 31 -2.79 -23.10 1.31
C PRO B 31 -1.96 -22.01 0.66
N LEU B 32 -0.64 -22.12 0.84
CA LEU B 32 0.31 -21.18 0.26
C LEU B 32 0.65 -21.64 -1.17
N VAL B 33 -0.37 -21.59 -2.03
CA VAL B 33 -0.26 -22.10 -3.39
C VAL B 33 -0.87 -21.08 -4.35
N ASN B 34 -0.10 -20.69 -5.36
CA ASN B 34 -0.61 -19.86 -6.45
C ASN B 34 -1.78 -20.54 -7.15
N ASP B 35 -2.59 -19.73 -7.82
CA ASP B 35 -3.59 -20.26 -8.75
C ASP B 35 -2.92 -21.22 -9.73
N LEU B 36 -3.62 -22.33 -10.01
CA LEU B 36 -3.00 -23.42 -10.77
C LEU B 36 -2.59 -23.00 -12.18
N ARG B 37 -3.22 -21.97 -12.74
CA ARG B 37 -2.91 -21.56 -14.10
C ARG B 37 -1.57 -20.86 -14.23
N PHE B 38 -0.90 -20.57 -13.11
CA PHE B 38 0.40 -19.92 -13.14
C PHE B 38 1.53 -20.83 -12.69
N ILE B 39 1.21 -21.96 -12.06
CA ILE B 39 2.23 -22.82 -11.46
C ILE B 39 3.23 -23.30 -12.50
N ASN B 40 2.76 -23.64 -13.69
CA ASN B 40 3.61 -24.11 -14.77
C ASN B 40 3.99 -23.01 -15.75
N GLY B 41 3.76 -21.76 -15.40
CA GLY B 41 4.17 -20.65 -16.24
C GLY B 41 5.15 -19.73 -15.54
N ILE B 42 5.72 -20.21 -14.43
CA ILE B 42 6.64 -19.44 -13.61
C ILE B 42 8.05 -20.00 -13.80
N ASN B 43 9.04 -19.10 -13.88
CA ASN B 43 10.44 -19.48 -14.06
C ASN B 43 10.66 -20.32 -15.31
N LYS B 44 9.95 -19.98 -16.38
CA LYS B 44 10.08 -20.61 -17.69
C LYS B 44 10.55 -19.58 -18.71
N PHE B 45 11.18 -20.06 -19.77
CA PHE B 45 11.46 -19.22 -20.92
C PHE B 45 10.20 -19.11 -21.77
N ILE B 46 9.67 -17.89 -21.88
CA ILE B 46 8.39 -17.68 -22.53
C ILE B 46 8.51 -17.79 -24.06
N ILE B 47 9.67 -17.46 -24.62
CA ILE B 47 9.89 -17.51 -26.07
C ILE B 47 11.03 -18.48 -26.31
N GLU B 48 10.74 -19.61 -26.97
CA GLU B 48 11.73 -20.66 -27.19
C GLU B 48 11.88 -21.03 -28.65
N ASP B 49 11.35 -20.24 -29.58
CA ASP B 49 11.48 -20.53 -31.00
C ASP B 49 12.78 -20.02 -31.61
N TYR B 50 13.55 -19.22 -30.87
CA TYR B 50 14.81 -18.63 -31.34
C TYR B 50 14.61 -17.68 -32.51
N ALA B 51 13.38 -17.22 -32.73
CA ALA B 51 13.04 -16.37 -33.86
C ALA B 51 12.93 -14.92 -33.42
N THR B 52 12.84 -14.04 -34.41
CA THR B 52 12.64 -12.62 -34.15
C THR B 52 11.20 -12.34 -33.78
N HIS B 53 10.99 -11.33 -32.94
CA HIS B 53 9.64 -11.04 -32.45
C HIS B 53 9.45 -9.55 -32.28
N ASP B 54 8.20 -9.12 -32.45
CA ASP B 54 7.78 -7.78 -32.09
C ASP B 54 7.01 -7.83 -30.78
N PHE B 55 7.04 -6.72 -30.05
CA PHE B 55 6.51 -6.67 -28.70
C PHE B 55 5.65 -5.43 -28.52
N SER B 56 4.61 -5.60 -27.70
CA SER B 56 3.78 -4.49 -27.27
C SER B 56 3.55 -4.62 -25.77
N ILE B 57 3.82 -3.55 -25.04
CA ILE B 57 3.63 -3.54 -23.59
C ILE B 57 2.28 -2.93 -23.29
N GLY B 58 1.42 -3.67 -22.61
CA GLY B 58 0.09 -3.20 -22.31
C GLY B 58 0.09 -2.14 -21.22
N HIS B 59 -1.07 -1.51 -21.07
CA HIS B 59 -1.24 -0.51 -20.02
C HIS B 59 -1.22 -1.17 -18.65
N PRO B 60 -0.83 -0.43 -17.62
CA PRO B 60 -0.85 -0.99 -16.25
C PRO B 60 -2.25 -1.47 -15.88
N LEU B 61 -2.30 -2.65 -15.28
CA LEU B 61 -3.54 -3.27 -14.83
C LEU B 61 -3.76 -2.97 -13.36
N ASN B 62 -4.92 -2.40 -13.03
CA ASN B 62 -5.15 -1.87 -11.70
C ASN B 62 -5.56 -2.98 -10.72
N MET B 63 -5.00 -2.90 -9.52
CA MET B 63 -5.29 -3.85 -8.44
C MET B 63 -4.84 -3.20 -7.14
N PRO B 64 -5.27 -3.73 -5.99
CA PRO B 64 -4.70 -3.26 -4.71
C PRO B 64 -3.23 -3.62 -4.64
N SER B 65 -2.37 -2.61 -4.58
CA SER B 65 -0.94 -2.84 -4.54
C SER B 65 -0.57 -3.65 -3.29
N PHE B 66 0.27 -4.66 -3.47
CA PHE B 66 0.73 -5.46 -2.34
C PHE B 66 1.95 -4.85 -1.65
N ILE B 67 2.49 -3.75 -2.17
CA ILE B 67 3.67 -3.12 -1.59
C ILE B 67 3.20 -1.89 -0.81
N PRO B 68 3.36 -1.87 0.51
CA PRO B 68 2.90 -0.70 1.27
C PRO B 68 3.79 0.50 1.04
N THR B 69 3.17 1.67 0.99
CA THR B 69 3.90 2.93 0.94
C THR B 69 4.21 3.41 2.36
N ALA B 70 5.00 4.48 2.43
CA ALA B 70 5.18 5.19 3.69
C ALA B 70 3.86 5.82 4.12
N THR B 71 3.82 6.27 5.38
CA THR B 71 2.66 6.98 5.92
C THR B 71 2.98 8.42 6.29
N SER B 72 4.14 8.92 5.88
CA SER B 72 4.57 10.29 6.17
C SER B 72 5.13 10.89 4.89
N PRO B 73 5.16 12.22 4.79
CA PRO B 73 5.65 12.84 3.54
C PRO B 73 7.15 12.72 3.35
N ASN B 74 7.93 12.40 4.38
CA ASN B 74 9.38 12.41 4.27
C ASN B 74 10.02 11.16 4.87
N GLY B 75 9.26 10.10 5.09
CA GLY B 75 9.84 8.83 5.48
C GLY B 75 10.47 8.10 4.31
N CYS B 76 11.53 7.36 4.59
CA CYS B 76 12.27 6.66 3.55
C CYS B 76 11.74 5.23 3.39
N THR B 77 11.54 4.82 2.14
CA THR B 77 11.06 3.47 1.82
C THR B 77 11.78 3.04 0.55
N ARG B 78 12.71 2.08 0.68
CA ARG B 78 13.64 1.81 -0.40
C ARG B 78 14.02 0.34 -0.44
N ILE B 79 14.79 -0.02 -1.46
CA ILE B 79 15.54 -1.28 -1.55
C ILE B 79 14.59 -2.46 -1.69
N PRO B 80 13.77 -2.52 -2.75
CA PRO B 80 12.87 -3.67 -2.93
C PRO B 80 13.62 -4.94 -3.31
N SER B 81 13.10 -6.07 -2.82
CA SER B 81 13.56 -7.40 -3.23
C SER B 81 12.34 -8.30 -3.36
N PHE B 82 12.22 -8.98 -4.51
CA PHE B 82 11.02 -9.74 -4.84
C PHE B 82 11.37 -11.03 -5.57
N SER B 83 10.71 -12.12 -5.18
CA SER B 83 10.85 -13.40 -5.86
C SER B 83 9.49 -14.05 -6.03
N LEU B 84 9.19 -14.48 -7.25
CA LEU B 84 7.98 -15.25 -7.55
C LEU B 84 8.38 -16.70 -7.74
N GLY B 85 7.98 -17.56 -6.80
CA GLY B 85 8.19 -18.98 -6.92
C GLY B 85 6.97 -19.68 -7.52
N LYS B 86 7.13 -20.98 -7.73
CA LYS B 86 6.04 -21.77 -8.34
C LYS B 86 4.76 -21.67 -7.54
N THR B 87 4.84 -21.73 -6.20
CA THR B 87 3.65 -21.77 -5.37
C THR B 87 3.35 -20.46 -4.65
N HIS B 88 4.32 -19.58 -4.48
CA HIS B 88 4.08 -18.33 -3.78
C HIS B 88 5.22 -17.36 -4.08
N TRP B 89 5.01 -16.10 -3.69
CA TRP B 89 6.01 -15.05 -3.83
C TRP B 89 6.40 -14.51 -2.46
N CYS B 90 7.59 -13.92 -2.44
CA CYS B 90 8.19 -13.30 -1.26
C CYS B 90 8.69 -11.91 -1.61
N TYR B 91 8.54 -10.98 -0.68
CA TYR B 91 8.90 -9.59 -0.93
C TYR B 91 9.42 -8.96 0.34
N THR B 92 10.32 -7.99 0.20
CA THR B 92 10.78 -7.21 1.33
C THR B 92 11.28 -5.85 0.85
N HIS B 93 11.24 -4.88 1.74
CA HIS B 93 11.97 -3.63 1.54
C HIS B 93 12.25 -2.98 2.90
N ASN B 94 12.91 -1.82 2.86
CA ASN B 94 13.45 -1.16 4.04
C ASN B 94 12.69 0.15 4.30
N VAL B 95 12.43 0.43 5.58
CA VAL B 95 11.61 1.55 6.01
C VAL B 95 12.38 2.34 7.08
N ILE B 96 12.48 3.65 6.90
CA ILE B 96 13.14 4.55 7.84
C ILE B 96 12.16 5.65 8.22
N ASN B 97 11.94 5.82 9.53
CA ASN B 97 11.00 6.84 10.01
C ASN B 97 11.45 8.26 9.67
N ALA B 98 12.72 8.44 9.30
CA ALA B 98 13.25 9.75 8.96
C ALA B 98 13.77 9.74 7.53
N ASN B 99 14.39 10.86 7.14
CA ASN B 99 14.96 11.00 5.80
C ASN B 99 15.86 9.82 5.46
N CYS B 100 15.95 9.53 4.16
CA CYS B 100 16.85 8.49 3.66
C CYS B 100 18.30 8.73 4.09
N LYS B 101 18.67 9.96 4.39
CA LYS B 101 20.02 10.30 4.86
C LYS B 101 20.19 9.94 6.32
N ASP B 102 20.87 8.83 6.57
CA ASP B 102 21.26 8.34 7.90
C ASP B 102 20.02 7.98 8.71
N HIS B 103 19.86 8.49 9.93
CA HIS B 103 18.92 8.05 10.97
C HIS B 103 19.48 6.80 11.66
N THR B 104 20.45 6.14 11.02
CA THR B 104 21.05 4.86 11.42
C THR B 104 20.09 3.93 12.16
N SER B 105 18.86 3.84 11.68
CA SER B 105 17.88 2.91 12.24
C SER B 105 16.81 2.67 11.20
N SER B 106 16.58 1.40 10.87
CA SER B 106 15.56 1.07 9.89
C SER B 106 14.75 -0.12 10.40
N ASN B 107 13.74 -0.46 9.62
CA ASN B 107 12.90 -1.63 9.85
C ASN B 107 12.76 -2.32 8.51
N GLN B 108 12.42 -3.60 8.55
CA GLN B 108 12.34 -4.39 7.33
C GLN B 108 10.93 -4.95 7.19
N TYR B 109 10.24 -4.54 6.13
CA TYR B 109 8.93 -5.08 5.82
C TYR B 109 9.09 -6.32 4.94
N ILE B 110 8.50 -7.43 5.37
CA ILE B 110 8.56 -8.70 4.66
C ILE B 110 7.14 -9.20 4.48
N SER B 111 6.85 -9.74 3.31
CA SER B 111 5.54 -10.32 3.07
C SER B 111 5.66 -11.50 2.14
N MET B 112 4.68 -12.39 2.24
CA MET B 112 4.58 -13.52 1.35
C MET B 112 3.12 -13.69 0.93
N GLY B 113 2.92 -14.17 -0.28
CA GLY B 113 1.57 -14.30 -0.78
C GLY B 113 1.50 -15.16 -2.03
N ILE B 114 0.34 -15.10 -2.69
CA ILE B 114 0.05 -15.94 -3.84
C ILE B 114 -0.51 -15.08 -4.97
N LEU B 115 -0.64 -15.71 -6.13
CA LEU B 115 -1.29 -15.12 -7.30
C LEU B 115 -2.73 -15.60 -7.35
N VAL B 116 -3.66 -14.66 -7.49
CA VAL B 116 -5.09 -14.94 -7.56
C VAL B 116 -5.67 -14.22 -8.76
N GLN B 117 -6.41 -14.95 -9.60
CA GLN B 117 -7.07 -14.36 -10.75
C GLN B 117 -8.31 -13.59 -10.32
N THR B 118 -8.48 -12.39 -10.89
CA THR B 118 -9.64 -11.56 -10.61
C THR B 118 -10.62 -11.58 -11.78
N ALA B 119 -11.82 -11.08 -11.54
CA ALA B 119 -12.81 -10.97 -12.60
C ALA B 119 -12.46 -9.88 -13.60
N SER B 120 -11.50 -9.02 -13.28
CA SER B 120 -11.00 -8.01 -14.21
C SER B 120 -10.23 -8.64 -15.37
N GLY B 121 -9.90 -9.92 -15.30
CA GLY B 121 -9.23 -10.61 -16.38
C GLY B 121 -7.74 -10.83 -16.19
N TYR B 122 -7.19 -10.52 -15.02
CA TYR B 122 -5.75 -10.64 -14.79
C TYR B 122 -5.54 -10.92 -13.31
N PRO B 123 -4.39 -11.49 -12.94
CA PRO B 123 -4.14 -11.82 -11.55
C PRO B 123 -3.77 -10.59 -10.72
N MET B 124 -3.87 -10.76 -9.40
CA MET B 124 -3.33 -9.81 -8.44
C MET B 124 -2.52 -10.57 -7.40
N PHE B 125 -1.68 -9.83 -6.69
CA PHE B 125 -0.81 -10.41 -5.67
C PHE B 125 -1.50 -10.30 -4.31
N LYS B 126 -1.95 -11.44 -3.78
CA LYS B 126 -2.68 -11.48 -2.52
C LYS B 126 -1.72 -11.78 -1.38
N THR B 127 -1.46 -10.79 -0.55
CA THR B 127 -0.59 -10.98 0.62
C THR B 127 -1.26 -11.92 1.62
N LEU B 128 -0.52 -12.94 2.05
CA LEU B 128 -1.02 -13.88 3.06
C LEU B 128 -0.32 -13.76 4.40
N LYS B 129 0.94 -13.35 4.42
CA LYS B 129 1.63 -13.14 5.71
C LYS B 129 2.51 -11.90 5.64
N ILE B 130 2.48 -11.14 6.73
CA ILE B 130 3.24 -9.91 6.89
C ILE B 130 4.13 -10.05 8.13
N GLN B 131 5.35 -9.54 8.04
CA GLN B 131 6.28 -9.52 9.16
C GLN B 131 7.05 -8.20 9.09
N TYR B 132 6.91 -7.38 10.11
CA TYR B 132 7.57 -6.08 10.17
C TYR B 132 8.66 -6.17 11.22
N LEU B 133 9.89 -6.48 10.77
CA LEU B 133 11.03 -6.57 11.67
C LEU B 133 11.42 -5.17 12.13
N SER B 134 11.09 -4.84 13.40
CA SER B 134 11.28 -3.52 13.98
C SER B 134 11.76 -3.70 15.43
N ASP B 135 13.07 -3.93 15.59
CA ASP B 135 13.63 -4.19 16.92
C ASP B 135 14.88 -3.37 17.20
N GLY B 136 15.14 -2.32 16.43
CA GLY B 136 16.30 -1.50 16.63
C GLY B 136 17.57 -1.98 15.97
N LEU B 137 17.55 -3.13 15.31
CA LEU B 137 18.68 -3.61 14.53
C LEU B 137 18.57 -3.09 13.11
N ASN B 138 19.65 -2.47 12.62
CA ASN B 138 19.63 -1.80 11.32
C ASN B 138 19.97 -2.80 10.21
N ARG B 139 19.03 -3.71 9.96
CA ARG B 139 19.17 -4.64 8.86
C ARG B 139 19.06 -3.90 7.53
N LYS B 140 20.06 -4.09 6.67
CA LYS B 140 20.24 -3.26 5.49
C LYS B 140 20.60 -4.12 4.28
N SER B 141 20.26 -3.60 3.10
CA SER B 141 20.64 -4.22 1.82
C SER B 141 20.09 -5.65 1.70
N CYS B 142 18.91 -5.89 2.25
CA CYS B 142 18.41 -7.25 2.41
C CYS B 142 17.97 -7.85 1.08
N SER B 143 18.22 -9.16 0.93
CA SER B 143 17.84 -9.94 -0.23
C SER B 143 16.89 -11.07 0.18
N ILE B 144 15.82 -11.25 -0.59
CA ILE B 144 14.79 -12.23 -0.25
C ILE B 144 14.85 -13.40 -1.22
N ALA B 145 14.35 -14.54 -0.75
CA ALA B 145 14.30 -15.75 -1.56
C ALA B 145 13.08 -16.56 -1.16
N THR B 146 12.45 -17.19 -2.14
CA THR B 146 11.30 -18.06 -1.90
C THR B 146 11.80 -19.45 -1.55
N VAL B 147 11.30 -19.99 -0.43
CA VAL B 147 11.73 -21.30 0.05
C VAL B 147 10.49 -22.10 0.41
N PRO B 148 10.63 -23.43 0.56
CA PRO B 148 9.48 -24.24 0.99
C PRO B 148 8.80 -23.68 2.24
N ASP B 149 7.51 -23.38 2.09
CA ASP B 149 6.65 -22.87 3.16
C ASP B 149 7.00 -21.46 3.60
N GLY B 150 7.70 -20.68 2.78
CA GLY B 150 7.93 -19.31 3.25
C GLY B 150 9.05 -18.63 2.49
N CYS B 151 9.78 -17.80 3.25
CA CYS B 151 10.81 -16.93 2.71
C CYS B 151 12.06 -17.01 3.55
N ALA B 152 13.20 -16.76 2.90
CA ALA B 152 14.48 -16.58 3.57
C ALA B 152 15.04 -15.22 3.17
N MET B 153 15.64 -14.53 4.12
CA MET B 153 16.13 -13.17 3.92
C MET B 153 17.56 -13.08 4.42
N TYR B 154 18.44 -12.53 3.59
CA TYR B 154 19.84 -12.34 3.93
C TYR B 154 20.08 -10.85 4.08
N CYS B 155 20.48 -10.44 5.29
CA CYS B 155 20.75 -9.04 5.59
C CYS B 155 22.13 -8.91 6.22
N TYR B 156 22.61 -7.68 6.31
CA TYR B 156 23.70 -7.34 7.21
C TYR B 156 23.21 -6.24 8.15
N VAL B 157 23.80 -6.20 9.35
CA VAL B 157 23.45 -5.22 10.36
C VAL B 157 24.39 -4.04 10.21
N SER B 158 23.87 -2.90 9.79
CA SER B 158 24.68 -1.72 9.54
C SER B 158 24.81 -0.89 10.81
N THR B 159 26.04 -0.49 11.12
CA THR B 159 26.31 0.35 12.28
C THR B 159 27.12 1.60 11.95
N GLN B 160 27.42 1.83 10.67
CA GLN B 160 28.30 2.93 10.25
C GLN B 160 28.11 3.11 8.76
N LEU B 161 28.84 4.07 8.19
CA LEU B 161 28.78 4.31 6.75
C LEU B 161 29.34 3.13 5.98
N GLU B 162 28.83 2.95 4.75
CA GLU B 162 29.37 1.92 3.88
C GLU B 162 30.87 2.13 3.62
N THR B 163 31.28 3.39 3.44
CA THR B 163 32.69 3.67 3.27
C THR B 163 33.48 3.29 4.52
N ASP B 164 32.89 3.43 5.71
CA ASP B 164 33.56 2.95 6.91
C ASP B 164 33.69 1.43 6.90
N ASP B 165 32.67 0.74 6.40
CA ASP B 165 32.76 -0.71 6.22
C ASP B 165 33.97 -1.07 5.36
N TYR B 166 34.10 -0.44 4.20
CA TYR B 166 35.20 -0.77 3.30
C TYR B 166 36.55 -0.33 3.85
N ALA B 167 36.57 0.74 4.66
CA ALA B 167 37.82 1.19 5.24
C ALA B 167 38.30 0.30 6.37
N GLY B 168 37.40 -0.43 7.02
CA GLY B 168 37.75 -1.31 8.11
C GLY B 168 38.39 -2.60 7.63
N SER B 169 38.56 -3.53 8.57
CA SER B 169 39.22 -4.79 8.31
C SER B 169 38.42 -6.01 8.74
N SER B 170 37.20 -5.83 9.23
CA SER B 170 36.38 -6.94 9.70
C SER B 170 34.96 -6.70 9.23
N PRO B 171 34.32 -7.68 8.57
CA PRO B 171 33.03 -7.43 7.98
C PRO B 171 31.94 -7.31 9.03
N PRO B 172 30.86 -6.60 8.73
CA PRO B 172 29.75 -6.48 9.70
C PRO B 172 28.98 -7.79 9.86
N THR B 173 28.05 -7.76 10.82
CA THR B 173 27.27 -8.94 11.16
C THR B 173 26.37 -9.37 10.01
N GLN B 174 26.42 -10.65 9.65
CA GLN B 174 25.61 -11.24 8.60
C GLN B 174 24.46 -12.02 9.24
N LYS B 175 23.23 -11.73 8.81
CA LYS B 175 22.03 -12.31 9.39
C LYS B 175 21.23 -13.06 8.33
N LEU B 176 20.68 -14.21 8.74
CA LEU B 176 19.78 -15.02 7.92
C LEU B 176 18.48 -15.19 8.68
N THR B 177 17.38 -14.78 8.06
CA THR B 177 16.05 -14.81 8.67
C THR B 177 15.15 -15.74 7.87
N LEU B 178 14.48 -16.65 8.58
CA LEU B 178 13.56 -17.60 7.98
C LEU B 178 12.15 -17.30 8.48
N LEU B 179 11.23 -17.06 7.55
CA LEU B 179 9.84 -16.73 7.85
C LEU B 179 8.96 -17.79 7.21
N PHE B 180 8.16 -18.47 8.02
CA PHE B 180 7.36 -19.55 7.49
C PHE B 180 5.87 -19.23 7.59
N TYR B 181 5.09 -19.96 6.79
CA TYR B 181 3.64 -19.75 6.77
C TYR B 181 3.01 -20.05 8.12
N ASN B 182 3.61 -20.94 8.92
CA ASN B 182 3.11 -21.22 10.26
C ASN B 182 3.45 -20.12 11.27
N ASP B 183 3.88 -18.95 10.78
CA ASP B 183 4.15 -17.76 11.59
C ASP B 183 5.39 -17.90 12.46
N THR B 184 6.28 -18.83 12.13
CA THR B 184 7.53 -18.98 12.85
C THR B 184 8.59 -18.11 12.18
N VAL B 185 9.37 -17.39 12.99
CA VAL B 185 10.47 -16.56 12.49
C VAL B 185 11.73 -16.94 13.24
N THR B 186 12.78 -17.28 12.50
CA THR B 186 14.05 -17.72 13.07
C THR B 186 15.17 -16.88 12.46
N GLU B 187 15.94 -16.20 13.29
CA GLU B 187 17.04 -15.39 12.79
C GLU B 187 18.35 -15.88 13.39
N ARG B 188 19.38 -15.98 12.55
CA ARG B 188 20.68 -16.46 12.94
C ARG B 188 21.77 -15.55 12.41
N THR B 189 22.84 -15.41 13.20
CA THR B 189 24.07 -14.80 12.72
C THR B 189 24.91 -15.88 12.06
N ILE B 190 25.41 -15.59 10.86
CA ILE B 190 26.19 -16.57 10.12
C ILE B 190 27.58 -16.00 9.82
N SER B 191 28.55 -16.91 9.68
CA SER B 191 29.91 -16.57 9.28
C SER B 191 30.31 -17.54 8.18
N PRO B 192 29.95 -17.25 6.93
CA PRO B 192 30.18 -18.21 5.85
C PRO B 192 31.66 -18.52 5.68
N THR B 193 31.92 -19.75 5.23
CA THR B 193 33.29 -20.17 4.97
C THR B 193 33.94 -19.27 3.93
N GLY B 194 35.12 -18.75 4.26
CA GLY B 194 35.85 -17.86 3.39
C GLY B 194 35.72 -16.39 3.73
N LEU B 195 34.83 -16.03 4.66
CA LEU B 195 34.59 -14.63 4.98
C LEU B 195 35.68 -14.06 5.88
N GLU B 196 35.91 -14.70 7.03
CA GLU B 196 36.84 -14.15 8.00
C GLU B 196 38.27 -14.22 7.48
N GLY B 197 39.00 -13.11 7.60
CA GLY B 197 40.37 -13.01 7.15
C GLY B 197 40.53 -12.54 5.71
N ASN B 198 39.48 -12.64 4.90
CA ASN B 198 39.57 -12.28 3.49
C ASN B 198 38.83 -11.01 3.12
N TRP B 199 37.83 -10.59 3.91
CA TRP B 199 36.95 -9.50 3.53
C TRP B 199 36.98 -8.39 4.58
N ALA B 200 37.05 -7.15 4.09
CA ALA B 200 36.80 -6.00 4.95
C ALA B 200 35.31 -5.83 5.23
N THR B 201 34.47 -6.13 4.25
CA THR B 201 33.02 -6.02 4.42
C THR B 201 32.33 -6.89 3.39
N LEU B 202 31.09 -7.25 3.69
CA LEU B 202 30.26 -8.06 2.81
C LEU B 202 28.80 -7.75 3.10
N VAL B 203 28.02 -7.50 2.06
CA VAL B 203 26.59 -7.21 2.20
C VAL B 203 25.83 -8.02 1.18
N PRO B 204 24.53 -8.22 1.40
CA PRO B 204 23.70 -8.88 0.38
C PRO B 204 23.45 -7.99 -0.82
N GLY B 205 23.09 -8.62 -1.93
CA GLY B 205 23.01 -8.00 -3.23
C GLY B 205 21.74 -7.26 -3.61
N VAL B 206 20.75 -7.14 -2.72
CA VAL B 206 19.53 -6.36 -2.98
C VAL B 206 18.80 -6.94 -4.18
N GLY B 207 18.97 -8.23 -4.40
CA GLY B 207 18.25 -8.91 -5.45
C GLY B 207 17.89 -10.29 -4.95
N SER B 208 16.80 -10.82 -5.47
CA SER B 208 16.27 -12.05 -4.91
C SER B 208 17.27 -13.18 -5.08
N GLY B 209 17.36 -14.03 -4.07
CA GLY B 209 18.07 -15.29 -4.16
C GLY B 209 17.17 -16.38 -4.72
N ILE B 210 17.65 -17.61 -4.65
CA ILE B 210 16.95 -18.73 -5.26
C ILE B 210 17.17 -19.98 -4.44
N TYR B 211 16.18 -20.87 -4.46
CA TYR B 211 16.25 -22.19 -3.86
C TYR B 211 16.35 -23.23 -4.97
N PHE B 212 17.44 -23.97 -5.00
CA PHE B 212 17.84 -24.76 -6.15
C PHE B 212 18.70 -25.92 -5.69
N GLU B 213 18.20 -27.15 -5.85
CA GLU B 213 18.93 -28.38 -5.54
C GLU B 213 19.48 -28.36 -4.11
N ASN B 214 18.58 -28.25 -3.15
CA ASN B 214 18.91 -28.20 -1.72
C ASN B 214 19.91 -27.09 -1.40
N LYS B 215 20.03 -26.09 -2.28
CA LYS B 215 20.93 -24.97 -2.05
C LYS B 215 20.12 -23.68 -2.03
N LEU B 216 20.42 -22.82 -1.07
CA LEU B 216 19.87 -21.49 -0.98
C LEU B 216 20.98 -20.52 -1.38
N ILE B 217 20.77 -19.81 -2.48
CA ILE B 217 21.84 -19.01 -3.09
C ILE B 217 21.40 -17.56 -3.13
N PHE B 218 22.17 -16.70 -2.49
CA PHE B 218 21.95 -15.25 -2.47
C PHE B 218 23.08 -14.54 -3.19
N PRO B 219 22.78 -13.48 -3.93
CA PRO B 219 23.85 -12.61 -4.42
C PRO B 219 24.42 -11.80 -3.27
N ALA B 220 25.70 -11.44 -3.39
CA ALA B 220 26.35 -10.62 -2.38
C ALA B 220 27.51 -9.89 -3.04
N TYR B 221 28.04 -8.90 -2.32
CA TYR B 221 29.23 -8.19 -2.79
C TYR B 221 29.87 -7.50 -1.60
N GLY B 222 31.13 -7.14 -1.77
CA GLY B 222 31.84 -6.47 -0.70
C GLY B 222 33.26 -6.11 -1.10
N GLY B 223 34.10 -5.94 -0.09
CA GLY B 223 35.48 -5.58 -0.32
C GLY B 223 36.44 -6.64 0.15
N VAL B 224 37.30 -7.11 -0.75
CA VAL B 224 38.31 -8.10 -0.43
C VAL B 224 39.60 -7.40 -0.05
N LEU B 225 40.20 -7.83 1.06
CA LEU B 225 41.48 -7.33 1.51
C LEU B 225 42.56 -7.72 0.51
N PRO B 226 43.27 -6.76 -0.09
CA PRO B 226 44.26 -7.13 -1.12
C PRO B 226 45.37 -8.03 -0.62
N ASN B 227 45.77 -7.91 0.65
CA ASN B 227 46.88 -8.69 1.17
C ASN B 227 46.47 -10.08 1.67
N SER B 228 45.17 -10.38 1.69
CA SER B 228 44.71 -11.67 2.19
C SER B 228 44.98 -12.77 1.16
N THR B 229 44.64 -14.01 1.52
CA THR B 229 44.81 -15.13 0.60
C THR B 229 44.01 -14.92 -0.68
N LEU B 230 42.71 -14.63 -0.54
CA LEU B 230 41.88 -14.37 -1.71
C LEU B 230 42.37 -13.15 -2.48
N GLY B 231 42.84 -12.12 -1.77
CA GLY B 231 43.33 -10.92 -2.44
C GLY B 231 44.54 -11.19 -3.31
N VAL B 232 45.52 -11.94 -2.78
CA VAL B 232 46.70 -12.25 -3.58
C VAL B 232 46.36 -13.23 -4.69
N LYS B 233 45.41 -14.14 -4.45
CA LYS B 233 45.02 -15.10 -5.47
C LYS B 233 44.42 -14.40 -6.68
N SER B 234 43.56 -13.41 -6.47
CA SER B 234 42.81 -12.77 -7.53
C SER B 234 43.42 -11.42 -7.95
N ALA B 235 44.71 -11.20 -7.69
CA ALA B 235 45.27 -9.86 -7.84
C ALA B 235 45.26 -9.39 -9.29
N ARG B 236 45.45 -10.29 -10.25
CA ARG B 236 45.54 -9.93 -11.66
C ARG B 236 44.27 -10.25 -12.45
N GLU B 237 43.17 -10.55 -11.78
CA GLU B 237 41.93 -10.88 -12.49
C GLU B 237 41.18 -9.62 -12.89
N PHE B 238 40.76 -9.55 -14.15
CA PHE B 238 39.99 -8.42 -14.63
C PHE B 238 39.21 -8.84 -15.86
N PHE B 239 38.13 -8.12 -16.12
CA PHE B 239 37.28 -8.34 -17.28
C PHE B 239 37.00 -6.98 -17.92
N ARG B 240 37.24 -6.86 -19.21
CA ARG B 240 37.04 -5.60 -19.94
C ARG B 240 36.13 -5.86 -21.12
N PRO B 241 34.81 -5.76 -20.94
CA PRO B 241 33.90 -5.87 -22.08
C PRO B 241 34.02 -4.68 -23.02
N VAL B 242 33.85 -4.96 -24.32
CA VAL B 242 33.92 -3.95 -25.37
C VAL B 242 32.64 -4.03 -26.19
N ASN B 243 32.02 -2.89 -26.44
CA ASN B 243 30.87 -2.82 -27.33
C ASN B 243 31.40 -2.65 -28.75
N PRO B 244 31.18 -3.61 -29.65
CA PRO B 244 31.72 -3.48 -31.01
C PRO B 244 31.16 -2.28 -31.75
N TYR B 245 29.98 -1.80 -31.39
CA TYR B 245 29.40 -0.61 -32.00
C TYR B 245 29.83 0.68 -31.30
N ASN B 246 30.28 0.61 -30.06
CA ASN B 246 30.79 1.78 -29.33
C ASN B 246 32.03 1.38 -28.54
N PRO B 247 33.16 1.18 -29.22
CA PRO B 247 34.36 0.75 -28.52
C PRO B 247 35.07 1.91 -27.85
N CYS B 248 35.83 1.59 -26.80
CA CYS B 248 36.70 2.58 -26.19
C CYS B 248 38.01 2.64 -26.95
N SER B 249 38.48 3.85 -27.23
CA SER B 249 39.70 4.03 -28.00
C SER B 249 40.93 3.92 -27.09
N GLY B 250 41.94 3.19 -27.56
CA GLY B 250 43.16 3.02 -26.82
C GLY B 250 43.79 1.65 -27.01
N PRO B 251 45.03 1.50 -26.59
CA PRO B 251 45.71 0.21 -26.73
C PRO B 251 45.17 -0.82 -25.75
N GLN B 252 45.30 -2.09 -26.14
CA GLN B 252 44.76 -3.18 -25.32
C GLN B 252 45.38 -3.21 -23.94
N GLN B 253 46.71 -3.00 -23.87
CA GLN B 253 47.40 -3.15 -22.60
C GLN B 253 47.05 -2.03 -21.62
N ASP B 254 47.03 -0.78 -22.11
CA ASP B 254 46.66 0.33 -21.24
C ASP B 254 45.22 0.23 -20.77
N LEU B 255 44.31 -0.12 -21.67
CA LEU B 255 42.92 -0.32 -21.28
C LEU B 255 42.78 -1.47 -20.29
N ASP B 256 43.58 -2.53 -20.47
CA ASP B 256 43.52 -3.66 -19.55
C ASP B 256 44.00 -3.25 -18.16
N GLN B 257 45.08 -2.46 -18.09
CA GLN B 257 45.55 -1.98 -16.80
C GLN B 257 44.50 -1.09 -16.13
N ARG B 258 43.84 -0.23 -16.91
CA ARG B 258 42.79 0.61 -16.34
C ARG B 258 41.62 -0.22 -15.85
N ALA B 259 41.25 -1.26 -16.60
CA ALA B 259 40.14 -2.12 -16.19
C ALA B 259 40.49 -2.91 -14.94
N LEU B 260 41.75 -3.31 -14.79
CA LEU B 260 42.18 -3.96 -13.56
C LEU B 260 42.12 -2.99 -12.38
N ARG B 261 42.60 -1.76 -12.57
CA ARG B 261 42.55 -0.77 -11.50
C ARG B 261 41.11 -0.37 -11.15
N SER B 262 40.18 -0.50 -12.09
CA SER B 262 38.80 -0.10 -11.80
C SER B 262 38.15 -0.96 -10.72
N TYR B 263 38.74 -2.11 -10.39
CA TYR B 263 38.23 -2.96 -9.32
C TYR B 263 38.61 -2.47 -7.93
N PHE B 264 39.50 -1.47 -7.84
CA PHE B 264 40.02 -0.98 -6.57
C PHE B 264 39.73 0.53 -6.44
N PRO B 265 38.47 0.92 -6.26
CA PRO B 265 38.18 2.35 -6.13
C PRO B 265 38.67 2.88 -4.79
N SER B 266 39.30 4.05 -4.83
CA SER B 266 39.72 4.68 -3.59
C SER B 266 38.54 5.16 -2.77
N TYR B 267 37.36 5.25 -3.37
CA TYR B 267 36.15 5.55 -2.61
C TYR B 267 35.85 4.45 -1.60
N PHE B 268 36.26 3.21 -1.89
CA PHE B 268 36.13 2.09 -0.97
C PHE B 268 37.49 1.64 -0.45
N SER B 269 38.41 2.60 -0.25
CA SER B 269 39.70 2.37 0.38
C SER B 269 40.58 1.41 -0.42
N ASN B 270 40.35 1.35 -1.74
CA ASN B 270 41.17 0.56 -2.65
C ASN B 270 41.11 -0.95 -2.37
N ARG B 271 40.10 -1.41 -1.66
CA ARG B 271 39.86 -2.86 -1.58
C ARG B 271 39.49 -3.38 -2.96
N ARG B 272 39.59 -4.70 -3.13
CA ARG B 272 39.08 -5.30 -4.35
C ARG B 272 37.57 -5.47 -4.20
N VAL B 273 36.79 -4.61 -4.86
CA VAL B 273 35.34 -4.71 -4.76
C VAL B 273 34.89 -5.91 -5.59
N GLN B 274 34.21 -6.85 -4.95
CA GLN B 274 34.06 -8.21 -5.46
C GLN B 274 32.64 -8.71 -5.25
N SER B 275 32.07 -9.30 -6.30
CA SER B 275 30.81 -10.03 -6.21
C SER B 275 31.05 -11.44 -5.68
N ALA B 276 30.03 -11.99 -5.03
CA ALA B 276 30.14 -13.33 -4.46
C ALA B 276 28.73 -13.91 -4.32
N PHE B 277 28.69 -15.19 -3.98
CA PHE B 277 27.43 -15.90 -3.79
C PHE B 277 27.43 -16.55 -2.42
N LEU B 278 26.40 -16.25 -1.62
CA LEU B 278 26.17 -16.93 -0.36
C LEU B 278 25.39 -18.21 -0.63
N VAL B 279 26.00 -19.36 -0.36
CA VAL B 279 25.43 -20.66 -0.68
C VAL B 279 25.21 -21.41 0.63
N CYS B 280 23.97 -21.75 0.93
CA CYS B 280 23.60 -22.42 2.16
C CYS B 280 22.97 -23.77 1.86
N ALA B 281 23.34 -24.79 2.63
CA ALA B 281 22.67 -26.08 2.52
C ALA B 281 21.31 -25.99 3.19
N TRP B 282 20.25 -26.14 2.40
CA TRP B 282 18.91 -25.95 2.94
C TRP B 282 18.55 -27.01 3.98
N ASN B 283 18.98 -28.26 3.76
CA ASN B 283 18.68 -29.31 4.72
C ASN B 283 19.33 -29.07 6.07
N GLN B 284 20.38 -28.25 6.11
CA GLN B 284 21.07 -27.93 7.35
C GLN B 284 20.97 -26.44 7.66
N ILE B 285 19.89 -25.80 7.19
CA ILE B 285 19.78 -24.35 7.24
C ILE B 285 19.70 -23.82 8.67
N LEU B 286 19.35 -24.67 9.64
CA LEU B 286 19.31 -24.23 11.03
C LEU B 286 20.68 -24.25 11.70
N VAL B 287 21.64 -25.00 11.17
CA VAL B 287 22.93 -25.14 11.82
C VAL B 287 24.10 -24.75 10.92
N THR B 288 23.93 -24.66 9.61
CA THR B 288 25.05 -24.39 8.72
C THR B 288 25.49 -22.93 8.81
N ASN B 289 26.76 -22.69 8.49
CA ASN B 289 27.28 -21.33 8.38
C ASN B 289 27.29 -20.83 6.94
N CYS B 290 26.92 -21.67 5.98
CA CYS B 290 26.92 -21.32 4.56
C CYS B 290 28.34 -21.11 4.05
N GLU B 291 28.48 -20.68 2.81
CA GLU B 291 29.75 -20.68 2.11
C GLU B 291 29.78 -19.53 1.12
N LEU B 292 30.92 -18.84 1.04
CA LEU B 292 31.12 -17.81 0.04
C LEU B 292 31.75 -18.44 -1.20
N VAL B 293 31.02 -18.42 -2.31
CA VAL B 293 31.54 -18.85 -3.60
C VAL B 293 31.85 -17.61 -4.41
N VAL B 294 33.12 -17.42 -4.74
CA VAL B 294 33.63 -16.18 -5.32
C VAL B 294 33.94 -16.43 -6.79
N PRO B 295 33.31 -15.72 -7.71
CA PRO B 295 33.63 -15.92 -9.14
C PRO B 295 34.97 -15.32 -9.51
N SER B 296 35.52 -15.81 -10.62
CA SER B 296 36.75 -15.26 -11.15
C SER B 296 36.48 -13.88 -11.76
N ASN B 297 37.26 -12.89 -11.37
CA ASN B 297 37.10 -11.57 -11.94
C ASN B 297 37.58 -11.49 -13.38
N ASN B 298 38.11 -12.57 -13.95
CA ASN B 298 38.30 -12.67 -15.39
C ASN B 298 36.97 -12.77 -16.13
N GLN B 299 35.89 -13.10 -15.42
CA GLN B 299 34.59 -13.32 -16.03
C GLN B 299 33.54 -12.34 -15.56
N THR B 300 33.86 -11.44 -14.63
CA THR B 300 32.87 -10.56 -14.05
C THR B 300 33.49 -9.22 -13.74
N LEU B 301 32.65 -8.18 -13.69
CA LEU B 301 33.10 -6.81 -13.44
C LEU B 301 33.18 -6.56 -11.94
N MET B 302 33.47 -5.31 -11.58
CA MET B 302 33.59 -4.92 -10.17
C MET B 302 32.35 -5.32 -9.39
N GLY B 303 32.55 -5.82 -8.17
CA GLY B 303 31.47 -6.29 -7.34
C GLY B 303 30.37 -5.26 -7.15
N ALA B 304 29.13 -5.72 -7.14
CA ALA B 304 27.98 -4.83 -7.07
C ALA B 304 26.76 -5.63 -6.63
N GLU B 305 25.65 -4.92 -6.45
CA GLU B 305 24.37 -5.58 -6.25
C GLU B 305 24.07 -6.52 -7.42
N GLY B 306 23.18 -7.47 -7.18
CA GLY B 306 22.85 -8.40 -8.23
C GLY B 306 21.63 -9.21 -7.89
N ARG B 307 21.35 -10.19 -8.73
CA ARG B 307 20.18 -11.04 -8.58
C ARG B 307 20.49 -12.41 -9.16
N VAL B 308 19.97 -13.46 -8.53
CA VAL B 308 20.13 -14.83 -9.03
C VAL B 308 18.77 -15.32 -9.51
N LEU B 309 18.74 -15.79 -10.75
CA LEU B 309 17.53 -16.31 -11.37
C LEU B 309 17.71 -17.78 -11.70
N LEU B 310 16.60 -18.52 -11.64
CA LEU B 310 16.55 -19.92 -12.04
C LEU B 310 15.41 -20.05 -13.05
N ILE B 311 15.76 -20.18 -14.33
CA ILE B 311 14.78 -20.27 -15.40
C ILE B 311 15.12 -21.50 -16.24
N ASN B 312 14.16 -22.42 -16.36
CA ASN B 312 14.35 -23.67 -17.10
C ASN B 312 15.54 -24.47 -16.56
N ASN B 313 15.70 -24.47 -15.24
CA ASN B 313 16.83 -25.12 -14.57
C ASN B 313 18.18 -24.57 -15.02
N ARG B 314 18.20 -23.34 -15.54
CA ARG B 314 19.43 -22.63 -15.86
C ARG B 314 19.58 -21.46 -14.89
N LEU B 315 20.76 -21.34 -14.29
CA LEU B 315 21.04 -20.27 -13.36
C LEU B 315 21.60 -19.05 -14.08
N LEU B 316 21.07 -17.88 -13.74
CA LEU B 316 21.53 -16.62 -14.29
C LEU B 316 21.85 -15.67 -13.15
N TYR B 317 22.73 -14.71 -13.44
CA TYR B 317 23.13 -13.71 -12.47
C TYR B 317 23.11 -12.34 -13.13
N TYR B 318 22.22 -11.47 -12.66
CA TYR B 318 22.28 -10.06 -13.01
C TYR B 318 23.26 -9.35 -12.10
N GLN B 319 24.10 -8.51 -12.69
CA GLN B 319 25.05 -7.69 -11.94
C GLN B 319 24.76 -6.23 -12.24
N ARG B 320 24.53 -5.45 -11.19
CA ARG B 320 24.34 -4.01 -11.36
C ARG B 320 25.61 -3.39 -11.95
N SER B 321 25.42 -2.43 -12.86
CA SER B 321 26.54 -1.76 -13.52
C SER B 321 27.02 -0.59 -12.65
N THR B 322 27.56 -0.95 -11.49
CA THR B 322 28.14 0.04 -10.59
C THR B 322 29.49 0.54 -11.10
N SER B 323 30.15 -0.23 -11.97
CA SER B 323 31.46 0.10 -12.49
C SER B 323 31.31 0.84 -13.83
N TRP B 324 32.42 1.03 -14.54
CA TRP B 324 32.46 1.88 -15.72
C TRP B 324 31.57 1.39 -16.86
N TRP B 325 31.38 0.08 -16.99
CA TRP B 325 30.59 -0.46 -18.11
C TRP B 325 29.12 -0.14 -17.92
N PRO B 326 28.50 0.62 -18.83
CA PRO B 326 27.15 1.14 -18.58
C PRO B 326 26.01 0.27 -19.11
N TYR B 327 26.29 -0.87 -19.72
CA TYR B 327 25.23 -1.68 -20.30
C TYR B 327 24.76 -2.76 -19.32
N GLU B 328 23.69 -3.45 -19.70
CA GLU B 328 23.06 -4.40 -18.80
C GLU B 328 23.90 -5.67 -18.70
N LEU B 329 24.18 -6.09 -17.46
CA LEU B 329 25.07 -7.21 -17.18
C LEU B 329 24.25 -8.42 -16.73
N LEU B 330 24.20 -9.45 -17.59
CA LEU B 330 23.54 -10.70 -17.29
C LEU B 330 24.45 -11.86 -17.68
N TYR B 331 24.68 -12.79 -16.75
CA TYR B 331 25.58 -13.91 -16.95
C TYR B 331 24.83 -15.22 -16.81
N GLU B 332 25.15 -16.19 -17.67
CA GLU B 332 24.79 -17.58 -17.41
C GLU B 332 25.80 -18.17 -16.46
N ILE B 333 25.34 -18.72 -15.33
CA ILE B 333 26.26 -19.20 -14.31
C ILE B 333 25.97 -20.66 -14.01
N SER B 334 26.98 -21.35 -13.52
CA SER B 334 26.84 -22.74 -13.11
C SER B 334 27.80 -23.03 -11.97
N PHE B 335 27.33 -23.77 -10.97
CA PHE B 335 28.13 -24.04 -9.79
C PHE B 335 28.69 -25.46 -9.84
N THR B 336 29.88 -25.63 -9.27
CA THR B 336 30.46 -26.93 -8.98
C THR B 336 30.57 -27.03 -7.47
N PHE B 337 29.74 -27.86 -6.87
CA PHE B 337 29.63 -27.94 -5.42
C PHE B 337 30.53 -29.06 -4.88
N THR B 338 31.19 -28.76 -3.77
CA THR B 338 32.07 -29.69 -3.08
C THR B 338 31.61 -29.84 -1.62
N ASN B 339 32.03 -30.94 -1.00
CA ASN B 339 31.68 -31.17 0.40
C ASN B 339 32.65 -30.47 1.35
N SER B 340 33.90 -30.27 0.92
CA SER B 340 34.94 -29.74 1.80
C SER B 340 34.95 -28.22 1.85
N GLY B 341 34.14 -27.54 1.04
CA GLY B 341 34.13 -26.09 1.03
C GLY B 341 35.00 -25.42 -0.01
N GLN B 342 35.26 -26.11 -1.13
CA GLN B 342 36.00 -25.52 -2.24
C GLN B 342 35.13 -25.37 -3.48
N SER B 343 33.85 -25.10 -3.28
CA SER B 343 32.92 -24.93 -4.39
C SER B 343 33.37 -23.79 -5.30
N SER B 344 33.00 -23.88 -6.57
CA SER B 344 33.37 -22.88 -7.55
C SER B 344 32.15 -22.49 -8.37
N VAL B 345 32.26 -21.38 -9.09
CA VAL B 345 31.21 -20.92 -9.97
C VAL B 345 31.82 -20.50 -11.30
N ASN B 346 31.09 -20.79 -12.38
CA ASN B 346 31.46 -20.44 -13.74
C ASN B 346 30.48 -19.40 -14.25
N MET B 347 31.02 -18.32 -14.80
CA MET B 347 30.24 -17.19 -15.28
C MET B 347 30.47 -17.02 -16.77
N SER B 348 29.41 -16.76 -17.52
CA SER B 348 29.48 -16.60 -18.96
C SER B 348 28.64 -15.39 -19.35
N TRP B 349 29.30 -14.31 -19.74
CA TRP B 349 28.61 -13.06 -19.99
C TRP B 349 27.76 -13.15 -21.26
N ILE B 350 26.53 -12.68 -21.18
CA ILE B 350 25.66 -12.54 -22.35
C ILE B 350 25.92 -11.16 -22.95
N PRO B 351 26.41 -11.07 -24.19
CA PRO B 351 26.83 -9.78 -24.72
C PRO B 351 25.67 -8.84 -25.05
N ILE B 352 25.39 -7.89 -24.16
CA ILE B 352 24.27 -6.97 -24.29
C ILE B 352 24.81 -5.55 -24.33
N TYR B 353 24.44 -4.80 -25.38
CA TYR B 353 24.84 -3.41 -25.52
C TYR B 353 23.64 -2.54 -25.90
N SER B 354 22.45 -2.90 -25.46
CA SER B 354 21.24 -2.21 -25.89
C SER B 354 21.15 -0.80 -25.29
N PHE B 355 21.00 -0.70 -23.98
CA PHE B 355 20.74 0.57 -23.33
C PHE B 355 21.69 0.77 -22.16
N THR B 356 21.80 2.02 -21.72
CA THR B 356 22.75 2.38 -20.66
C THR B 356 22.00 2.83 -19.42
N ARG B 357 22.70 2.69 -18.25
CA ARG B 357 22.14 3.15 -16.98
C ARG B 357 22.72 4.52 -16.62
N PRO B 358 21.98 5.34 -15.85
CA PRO B 358 22.49 6.65 -15.49
C PRO B 358 23.61 6.58 -14.46
N GLY B 359 24.56 7.51 -14.60
CA GLY B 359 25.64 7.64 -13.65
C GLY B 359 26.14 9.07 -13.63
N SER B 360 27.03 9.35 -12.68
CA SER B 360 27.53 10.70 -12.47
C SER B 360 28.99 10.81 -12.90
N GLY B 361 29.37 12.03 -13.26
CA GLY B 361 30.78 12.31 -13.56
C GLY B 361 31.26 11.56 -14.78
N ASN B 362 32.42 10.91 -14.64
CA ASN B 362 33.00 10.09 -15.68
C ASN B 362 32.38 8.70 -15.76
N CYS B 363 31.28 8.46 -15.05
CA CYS B 363 30.63 7.16 -14.99
C CYS B 363 29.19 7.24 -15.48
N SER B 364 28.91 8.20 -16.36
CA SER B 364 27.58 8.33 -16.92
C SER B 364 27.33 7.22 -17.95
N GLY B 365 26.08 7.16 -18.42
CA GLY B 365 25.70 6.18 -19.42
C GLY B 365 26.42 6.33 -20.75
N GLU B 366 27.08 7.45 -21.00
CA GLU B 366 27.82 7.64 -22.23
C GLU B 366 29.28 7.22 -22.12
N ASN B 367 29.77 6.92 -20.93
CA ASN B 367 31.14 6.46 -20.76
C ASN B 367 31.23 4.96 -20.96
N VAL B 368 32.18 4.55 -21.80
CA VAL B 368 32.41 3.14 -22.09
C VAL B 368 33.86 2.73 -21.84
N CYS B 369 34.69 3.63 -21.33
CA CYS B 369 36.10 3.36 -21.10
C CYS B 369 36.35 2.96 -19.65
N PRO B 370 37.27 2.04 -19.42
CA PRO B 370 37.56 1.60 -18.05
C PRO B 370 38.08 2.73 -17.18
N THR B 371 37.45 2.91 -16.02
CA THR B 371 37.87 3.87 -15.02
C THR B 371 37.22 3.49 -13.70
N ALA B 372 37.79 4.00 -12.61
CA ALA B 372 37.29 3.69 -11.27
C ALA B 372 35.93 4.34 -11.07
N CYS B 373 34.89 3.52 -10.89
CA CYS B 373 33.52 4.00 -10.78
C CYS B 373 32.81 3.31 -9.64
N VAL B 374 32.10 4.10 -8.82
CA VAL B 374 31.09 3.60 -7.90
C VAL B 374 29.85 4.43 -8.18
N SER B 375 29.05 4.00 -9.16
CA SER B 375 27.94 4.78 -9.67
C SER B 375 26.84 3.81 -10.10
N GLY B 376 25.86 4.32 -10.83
CA GLY B 376 24.86 3.46 -11.41
C GLY B 376 23.63 3.34 -10.55
N VAL B 377 22.89 2.25 -10.77
CA VAL B 377 21.60 2.03 -10.11
C VAL B 377 21.11 0.62 -10.42
N TYR B 378 20.40 0.01 -9.48
CA TYR B 378 19.89 -1.34 -9.67
C TYR B 378 18.73 -1.33 -10.66
N LEU B 379 18.90 -2.03 -11.79
CA LEU B 379 17.86 -2.19 -12.81
C LEU B 379 18.03 -3.59 -13.40
N ASP B 380 17.20 -4.55 -12.96
CA ASP B 380 17.53 -5.91 -13.37
C ASP B 380 16.69 -6.32 -14.57
N PRO B 381 17.13 -7.33 -15.33
CA PRO B 381 16.36 -7.75 -16.50
C PRO B 381 15.64 -9.08 -16.30
N TRP B 382 14.52 -9.27 -16.96
CA TRP B 382 13.92 -10.59 -17.01
C TRP B 382 14.09 -11.15 -18.41
N PRO B 383 14.83 -12.25 -18.58
CA PRO B 383 15.02 -12.80 -19.93
C PRO B 383 13.78 -13.57 -20.38
N LEU B 384 13.31 -13.24 -21.59
CA LEU B 384 12.17 -13.94 -22.16
C LEU B 384 12.58 -15.15 -22.98
N THR B 385 13.85 -15.24 -23.34
CA THR B 385 14.39 -16.27 -24.22
C THR B 385 15.65 -16.86 -23.60
N PRO B 386 15.95 -18.12 -23.90
CA PRO B 386 17.28 -18.64 -23.56
C PRO B 386 18.33 -17.94 -24.41
N TYR B 387 19.55 -17.89 -23.89
CA TYR B 387 20.69 -17.46 -24.70
C TYR B 387 21.49 -18.66 -25.19
N SER B 388 21.95 -19.50 -24.28
CA SER B 388 22.68 -20.71 -24.63
C SER B 388 21.76 -21.92 -24.45
N HIS B 389 21.59 -22.68 -25.52
CA HIS B 389 20.86 -23.94 -25.48
C HIS B 389 21.74 -25.04 -26.06
N GLN B 390 21.28 -26.28 -25.92
CA GLN B 390 22.10 -27.44 -26.27
C GLN B 390 22.57 -27.38 -27.72
N SER B 391 21.74 -26.85 -28.62
CA SER B 391 22.07 -26.85 -30.04
C SER B 391 22.82 -25.61 -30.50
N GLY B 392 22.94 -24.58 -29.66
CA GLY B 392 23.66 -23.39 -30.06
C GLY B 392 23.30 -22.20 -29.18
N ILE B 393 23.59 -21.01 -29.72
CA ILE B 393 23.38 -19.74 -29.04
C ILE B 393 22.28 -18.98 -29.76
N ASN B 394 21.35 -18.42 -29.01
CA ASN B 394 20.20 -17.70 -29.57
C ASN B 394 20.56 -16.23 -29.71
N ARG B 395 20.84 -15.81 -30.95
CA ARG B 395 21.13 -14.41 -31.22
C ARG B 395 19.89 -13.53 -31.12
N ASN B 396 18.69 -14.13 -31.17
CA ASN B 396 17.44 -13.41 -31.01
C ASN B 396 17.03 -13.26 -29.54
N PHE B 397 18.01 -13.21 -28.63
CA PHE B 397 17.76 -12.96 -27.22
C PHE B 397 16.85 -11.74 -27.01
N TYR B 398 15.90 -11.87 -26.09
CA TYR B 398 15.04 -10.76 -25.70
C TYR B 398 14.87 -10.75 -24.18
N PHE B 399 14.87 -9.54 -23.62
CA PHE B 399 14.64 -9.38 -22.18
C PHE B 399 13.86 -8.10 -21.94
N THR B 400 13.15 -8.05 -20.82
CA THR B 400 12.30 -6.91 -20.53
C THR B 400 12.57 -6.39 -19.13
N GLY B 401 12.27 -5.11 -18.92
CA GLY B 401 12.46 -4.53 -17.61
C GLY B 401 12.03 -3.08 -17.57
N ALA B 402 12.52 -2.38 -16.55
CA ALA B 402 12.32 -0.94 -16.41
C ALA B 402 13.67 -0.24 -16.35
N LEU B 403 13.89 0.72 -17.24
CA LEU B 403 15.10 1.52 -17.28
C LEU B 403 14.80 2.95 -16.85
N LEU B 404 15.85 3.75 -16.70
CA LEU B 404 15.75 5.16 -16.38
C LEU B 404 16.27 5.94 -17.58
N ASN B 405 15.38 6.65 -18.28
CA ASN B 405 15.71 7.27 -19.55
C ASN B 405 16.51 8.55 -19.29
N SER B 406 17.79 8.36 -19.00
CA SER B 406 18.73 9.44 -18.72
C SER B 406 20.11 8.81 -18.60
N SER B 407 21.13 9.58 -18.98
CA SER B 407 22.50 9.11 -18.85
C SER B 407 23.18 9.61 -17.58
N THR B 408 22.60 10.59 -16.90
CA THR B 408 23.19 11.16 -15.70
C THR B 408 22.29 11.10 -14.48
N THR B 409 20.98 11.00 -14.65
CA THR B 409 20.04 11.21 -13.56
C THR B 409 19.11 10.00 -13.44
N ARG B 410 18.70 9.71 -12.21
CA ARG B 410 17.74 8.66 -11.92
C ARG B 410 16.34 9.23 -12.11
N VAL B 411 15.87 9.19 -13.35
CA VAL B 411 14.64 9.88 -13.76
C VAL B 411 14.09 9.16 -14.97
N ASN B 412 12.79 9.38 -15.26
CA ASN B 412 12.11 8.87 -16.45
C ASN B 412 12.01 7.35 -16.45
N PRO B 413 11.34 6.74 -15.48
CA PRO B 413 11.12 5.28 -15.52
C PRO B 413 10.40 4.88 -16.80
N THR B 414 10.93 3.86 -17.46
CA THR B 414 10.43 3.44 -18.77
C THR B 414 10.45 1.93 -18.87
N LEU B 415 9.29 1.32 -19.07
CA LEU B 415 9.22 -0.10 -19.37
C LEU B 415 9.80 -0.34 -20.76
N TYR B 416 10.48 -1.47 -20.93
CA TYR B 416 11.13 -1.75 -22.20
C TYR B 416 11.14 -3.25 -22.45
N VAL B 417 11.13 -3.61 -23.73
CA VAL B 417 11.59 -4.89 -24.22
C VAL B 417 12.78 -4.62 -25.14
N SER B 418 13.84 -5.39 -24.96
CA SER B 418 15.14 -5.13 -25.58
C SER B 418 15.70 -6.41 -26.19
N ALA B 419 16.38 -6.26 -27.33
CA ALA B 419 17.19 -7.30 -27.92
C ALA B 419 18.63 -7.15 -27.42
N LEU B 420 19.56 -7.90 -28.03
CA LEU B 420 20.96 -7.79 -27.66
C LEU B 420 21.52 -6.40 -27.94
N ASN B 421 21.28 -5.89 -29.16
CA ASN B 421 21.91 -4.67 -29.63
C ASN B 421 21.01 -3.44 -29.60
N ASN B 422 19.70 -3.61 -29.43
CA ASN B 422 18.80 -2.47 -29.60
C ASN B 422 17.52 -2.71 -28.82
N LEU B 423 16.80 -1.62 -28.58
CA LEU B 423 15.52 -1.67 -27.88
C LEU B 423 14.40 -2.05 -28.84
N LYS B 424 13.54 -2.98 -28.42
CA LYS B 424 12.44 -3.40 -29.26
C LYS B 424 11.18 -2.56 -29.04
N VAL B 425 10.90 -2.18 -27.79
CA VAL B 425 9.73 -1.35 -27.52
C VAL B 425 9.93 -0.64 -26.19
N LEU B 426 9.37 0.58 -26.09
CA LEU B 426 9.48 1.46 -24.93
C LEU B 426 8.11 1.99 -24.54
N ALA B 427 7.85 2.08 -23.23
CA ALA B 427 6.60 2.59 -22.70
C ALA B 427 6.89 3.31 -21.39
N PRO B 428 6.93 4.64 -21.41
CA PRO B 428 7.19 5.37 -20.16
C PRO B 428 6.09 5.15 -19.14
N TYR B 429 6.46 5.22 -17.87
CA TYR B 429 5.50 5.33 -16.78
C TYR B 429 5.52 6.76 -16.25
N GLY B 430 4.35 7.39 -16.24
CA GLY B 430 4.25 8.76 -15.76
C GLY B 430 4.72 9.77 -16.78
N ASN B 431 4.91 10.99 -16.28
CA ASN B 431 5.35 12.09 -17.12
C ASN B 431 6.88 12.18 -17.15
N GLN B 432 7.38 12.88 -18.16
CA GLN B 432 8.81 13.15 -18.23
C GLN B 432 9.23 14.00 -17.04
N GLY B 433 10.38 13.66 -16.45
CA GLY B 433 10.85 14.32 -15.26
C GLY B 433 10.51 13.62 -13.96
N LEU B 434 9.76 12.53 -14.01
CA LEU B 434 9.47 11.76 -12.81
C LEU B 434 10.71 11.02 -12.33
N PHE B 435 11.07 11.22 -11.06
CA PHE B 435 12.26 10.60 -10.49
C PHE B 435 11.97 9.15 -10.12
N ALA B 436 12.89 8.26 -10.46
CA ALA B 436 12.78 6.84 -10.14
C ALA B 436 14.16 6.26 -9.97
N SER B 437 14.28 5.24 -9.10
CA SER B 437 15.58 4.64 -8.87
C SER B 437 15.61 3.14 -9.20
N TYR B 438 15.31 2.29 -8.21
CA TYR B 438 15.53 0.86 -8.36
C TYR B 438 14.33 0.22 -9.04
N THR B 439 14.60 -0.73 -9.95
CA THR B 439 13.55 -1.51 -10.59
C THR B 439 13.94 -2.98 -10.61
N THR B 440 12.96 -3.85 -10.38
CA THR B 440 13.13 -5.30 -10.49
C THR B 440 11.91 -5.87 -11.21
N THR B 441 12.17 -6.69 -12.23
CA THR B 441 11.12 -7.16 -13.12
C THR B 441 11.03 -8.68 -13.08
N THR B 442 9.80 -9.19 -13.07
CA THR B 442 9.55 -10.62 -13.13
C THR B 442 8.37 -10.89 -14.05
N CYS B 443 8.52 -11.84 -14.97
CA CYS B 443 7.44 -12.22 -15.88
C CYS B 443 7.05 -13.68 -15.66
N PHE B 444 5.79 -13.97 -15.94
CA PHE B 444 5.22 -15.30 -15.81
C PHE B 444 4.10 -15.42 -16.83
N GLN B 445 3.64 -16.66 -17.04
CA GLN B 445 2.63 -16.92 -18.05
C GLN B 445 1.42 -17.62 -17.44
N ASP B 446 0.24 -17.18 -17.87
CA ASP B 446 -1.02 -17.84 -17.59
C ASP B 446 -1.15 -19.00 -18.57
N THR B 447 -1.10 -20.23 -18.07
CA THR B 447 -1.23 -21.39 -18.96
C THR B 447 -2.67 -21.67 -19.36
N GLY B 448 -3.63 -20.93 -18.83
CA GLY B 448 -5.01 -21.10 -19.26
C GLY B 448 -5.34 -20.37 -20.54
N ASP B 449 -4.90 -19.12 -20.66
CA ASP B 449 -5.19 -18.29 -21.82
C ASP B 449 -3.94 -17.83 -22.55
N ALA B 450 -2.77 -18.32 -22.18
CA ALA B 450 -1.46 -18.00 -22.76
C ALA B 450 -1.04 -16.55 -22.52
N SER B 451 -1.69 -15.84 -21.60
CA SER B 451 -1.32 -14.46 -21.33
C SER B 451 0.04 -14.39 -20.64
N VAL B 452 0.87 -13.47 -21.11
CA VAL B 452 2.18 -13.22 -20.53
C VAL B 452 2.08 -11.96 -19.68
N TYR B 453 2.35 -12.09 -18.38
CA TYR B 453 2.32 -10.95 -17.48
C TYR B 453 3.73 -10.62 -17.01
N CYS B 454 4.04 -9.32 -16.98
CA CYS B 454 5.29 -8.85 -16.39
C CYS B 454 4.96 -7.84 -15.31
N VAL B 455 5.56 -8.00 -14.14
CA VAL B 455 5.47 -7.04 -13.06
C VAL B 455 6.79 -6.29 -12.98
N TYR B 456 6.71 -4.97 -13.08
CA TYR B 456 7.84 -4.05 -12.99
C TYR B 456 7.71 -3.34 -11.64
N ILE B 457 8.54 -3.72 -10.68
CA ILE B 457 8.52 -3.13 -9.36
C ILE B 457 9.53 -1.99 -9.36
N MET B 458 9.05 -0.75 -9.20
CA MET B 458 9.88 0.44 -9.39
C MET B 458 9.78 1.38 -8.22
N GLU B 459 10.93 1.90 -7.80
CA GLU B 459 10.99 2.98 -6.81
C GLU B 459 10.58 4.28 -7.51
N LEU B 460 9.42 4.84 -7.18
CA LEU B 460 8.95 6.05 -7.83
C LEU B 460 8.84 7.18 -6.81
N ALA B 461 9.24 8.39 -7.21
CA ALA B 461 9.09 9.55 -6.35
C ALA B 461 7.62 9.96 -6.27
N SER B 462 7.10 10.05 -5.05
CA SER B 462 5.71 10.39 -4.83
C SER B 462 5.59 11.79 -4.22
N ASN B 463 4.50 12.48 -4.60
CA ASN B 463 4.25 13.81 -4.08
C ASN B 463 3.70 13.81 -2.66
N ILE B 464 3.24 12.68 -2.14
CA ILE B 464 2.58 12.69 -0.83
C ILE B 464 3.27 11.76 0.17
N VAL B 465 3.90 10.70 -0.30
CA VAL B 465 4.63 9.79 0.59
C VAL B 465 6.13 9.87 0.38
N GLY B 466 6.60 10.76 -0.48
CA GLY B 466 8.01 11.08 -0.48
C GLY B 466 8.89 10.09 -1.21
N GLU B 467 10.09 9.88 -0.66
CA GLU B 467 11.13 9.18 -1.42
C GLU B 467 10.69 7.74 -1.64
N PHE B 468 10.19 7.52 -2.85
CA PHE B 468 9.87 6.22 -3.41
C PHE B 468 8.77 5.44 -2.72
N GLN B 469 7.59 5.56 -3.32
CA GLN B 469 6.59 4.51 -3.27
C GLN B 469 7.07 3.44 -4.23
N ILE B 470 7.35 2.26 -3.71
CA ILE B 470 7.74 1.13 -4.53
C ILE B 470 6.45 0.57 -5.13
N LEU B 471 6.29 0.73 -6.44
CA LEU B 471 5.05 0.41 -7.13
C LEU B 471 5.23 -0.84 -8.00
N PRO B 472 4.40 -1.86 -7.81
CA PRO B 472 4.40 -3.01 -8.72
C PRO B 472 3.44 -2.80 -9.88
N VAL B 473 3.97 -2.53 -11.07
CA VAL B 473 3.15 -2.29 -12.25
C VAL B 473 3.04 -3.60 -13.01
N LEU B 474 1.83 -4.17 -13.03
CA LEU B 474 1.57 -5.40 -13.77
C LEU B 474 1.03 -5.04 -15.15
N THR B 475 1.68 -5.58 -16.18
CA THR B 475 1.25 -5.37 -17.55
C THR B 475 1.17 -6.70 -18.27
N ARG B 476 0.40 -6.71 -19.35
CA ARG B 476 0.33 -7.84 -20.26
C ARG B 476 1.27 -7.57 -21.43
N LEU B 477 2.08 -8.55 -21.78
CA LEU B 477 3.06 -8.46 -22.84
C LEU B 477 2.54 -9.20 -24.08
N THR B 478 2.39 -8.47 -25.19
CA THR B 478 1.97 -9.06 -26.44
C THR B 478 3.19 -9.35 -27.30
N ILE B 479 3.31 -10.59 -27.77
CA ILE B 479 4.46 -11.05 -28.54
C ILE B 479 3.96 -11.54 -29.88
N THR B 480 4.47 -10.95 -30.97
CA THR B 480 4.11 -11.36 -32.32
C THR B 480 5.37 -11.58 -33.14
N GLY B 481 5.18 -11.88 -34.41
CA GLY B 481 6.29 -12.05 -35.33
C GLY B 481 6.68 -10.76 -36.02
#